data_7ZBU
#
_entry.id   7ZBU
#
_cell.length_a   1.00
_cell.length_b   1.00
_cell.length_c   1.00
_cell.angle_alpha   90.00
_cell.angle_beta   90.00
_cell.angle_gamma   90.00
#
_symmetry.space_group_name_H-M   'P 1'
#
loop_
_entity.id
_entity.type
_entity.pdbx_description
1 polymer 'Spike glycoprotein'
2 polymer 'P008_60 antibody, Heavy chain'
3 polymer 'P008_60 antibody, Light chain'
4 non-polymer 2-acetamido-2-deoxy-beta-D-glucopyranose
5 non-polymer '3-[5-[(4-ethyl-3-methyl-5-oxidanylidene-pyrrol-2-yl)methyl]-2-[[5-[(3-ethyl-4-methyl-5-oxidanylidene-pyrrol-2-yl)methyl]-3-(3-hydroxy-3-oxopropyl)-4-methyl-1H-pyrrol-2-yl]methyl]-4-methyl-1H-pyrrol-3-yl]propanoic acid'
#
loop_
_entity_poly.entity_id
_entity_poly.type
_entity_poly.pdbx_seq_one_letter_code
_entity_poly.pdbx_strand_id
1 'polypeptide(L)'
;MGILPSPGMPALLSLVSLLSVLLMGCVAETGMFVFLVLLPLVSSQCVNLTTRTQLPPAYTNSFTRGVYYPDKVFRSSVLH
STQDLFLPFFSNVTWFHAIHVSGTNGTKRFDNPVLPFNDGVYFASTEKSNIIRGWIFGTTLDSKTQSLLIVNNATNVVIK
VCEFQFCNDPFLGVYYHKNNKSWMESEFRVYSSANNCTFEYVSQPFLMDLEGKQGNFKNLREFVFKNIDGYFKIYSKHTP
INLVRDLPQGFSALEPLVDLPIGINITRFQTLLALHRSYLTPGDSSSGWTAGAAAYYVGYLQPRTFLLKYNENGTITDAV
DCALDPLSETKCTLKSFTVEKGIYQTSNFRVQPTESIVRFPNITNLCPFGEVFNATRFASVYAWNRKRISNCVADYSVLY
NSASFSTFKCYGVSPTKLNDLCFTNVYADSFVIRGDEVRQIAPGQTGKIADYNYKLPDDFTGCVIAWNSNNLDSKVGGNY
NYLYRLFRKSNLKPFERDISTEIYQAGSTPCNGVEGFNCYFPLQSYGFQPTNGVGYQPYRVVVLSFELLHAPATVCGPKK
STNLVKNKCVNFNFNGLTGTGVLTESNKKFLPFQQFGRDIADTTDAVRDPQTLEILDITPCSFGGVSVITPGTNTSNQVA
VLYQDVNCTEVPVAIHADQLTPTWRVYSTGSNVFQTRAGCLIGAEHVNNSYECDIPIGAGICASYQTQTNSPSRASSVAS
QSIIAYTMSLGAENSVAYSNNSIAIPTNFTISVTTEILPVSMTKTSVDCTMYICGDSTECSNLLLQYGSFCTQLNRALTG
IAVEQDKNTQEVFAQVKQIYKTPPIKDFGGFNFSQILPDPSKPSKRSFIEDLLFNKVTLADAGFIKQYGDCLGDIAARDL
ICAQKFNGLTVLPPLLTDEMIAQYTSALLAGTITSGWTFGAGAALQIPFAMQMAYRFNGIGVTQNVLYENQKLIANQFNS
AIGKIQDSLSSTASALGKLQDVVNQNAQALNTLVKQLSSNFGAISSVLNDILSRLDPPEAEVQIDRLITGRLQSLQTYVT
QQLIRAAEIRASANLAATKMSECVLGQSKRVDFCGKGYHLMSFPQSAPHGVVFLHVTYVPAQEKNFTTAPAICHDGKAHF
PREGVFVSNGTHWFVTQRNFYEPQIITTDNTFVSGNCDVVIGIVNNTVYDPLQPELDSFKEELDKYFKNHTSPDVDLGDI
SGINASVVNIQKEIDRLNEVAKNLNESLIDLQELGKYEQSGRENLYFQGGGGSGYIPEAPRDGQAYVRKDGEWVLLSTFL
GHHHHHH
;
A
2 'polypeptide(L)'
;EVQLVESGGGVVQPGRSLRLTCAASGFIFSSYGMHWVRQAPGKGLEWVAVISYDGSYKYYADSVKGRFTISRDNSKNTLY
LQMNSLRAEDTAVYYCTKADYYDFWSGYQKTYYYYMDVWGKGTTVTISSASTKGPSVFPLAPSSKSTSGGTAALGCLVKD
YFPEPVTVSWNSGALTSGVHTFPAVLQSSGLYSLSSVVTVPSSSLGTQTYICNVNHKPSNTKVDKKVGRTKHHHHHH
;
H
3 'polypeptide(L)'
;DIQLTQSPGTLSLSPGERATLSCRASQSVSSSYLAWYQQKPGQAPRLLIYGTSSRATGIPDRFSGSGSGTDFTLTISRLE
PEDFAVYYCQQYGSSPQITFGQGTRLEIKRTVAAPSVFIFPPSDEQLKSGTASVVCLLNNFYPREAKVQWKVDNALQSGN
SQESVTEQDSKDSTYSLSSTLTLSKADYEKHKVYACEVTHQGLSSPVTKSFNRGEC
;
L
#
# COMPACT_ATOMS: atom_id res chain seq x y z
N GLN A 45 -13.31 -42.60 46.76
CA GLN A 45 -14.45 -42.28 45.91
C GLN A 45 -14.18 -42.68 44.45
N CYS A 46 -12.96 -42.46 43.99
CA CYS A 46 -12.62 -42.82 42.62
C CYS A 46 -12.53 -44.34 42.48
N VAL A 47 -13.13 -44.83 41.39
CA VAL A 47 -13.13 -46.25 41.07
C VAL A 47 -12.86 -46.41 39.57
N ASN A 48 -11.88 -47.23 39.23
CA ASN A 48 -11.65 -47.62 37.84
C ASN A 48 -12.52 -48.82 37.51
N LEU A 49 -13.51 -48.62 36.63
CA LEU A 49 -14.39 -49.70 36.24
C LEU A 49 -13.68 -50.70 35.34
N THR A 50 -14.00 -51.97 35.53
CA THR A 50 -13.51 -53.06 34.69
C THR A 50 -14.68 -53.63 33.89
N THR A 51 -14.39 -54.70 33.15
CA THR A 51 -15.33 -55.51 32.37
C THR A 51 -15.79 -54.82 31.09
N ARG A 52 -15.28 -53.63 30.76
CA ARG A 52 -15.54 -53.09 29.44
C ARG A 52 -14.91 -53.97 28.36
N THR A 53 -15.55 -54.01 27.21
CA THR A 53 -15.06 -54.74 26.05
C THR A 53 -14.61 -53.75 24.98
N GLN A 54 -13.87 -54.27 24.00
CA GLN A 54 -13.34 -53.43 22.92
C GLN A 54 -14.34 -53.36 21.78
N LEU A 55 -14.46 -52.17 21.19
CA LEU A 55 -15.33 -51.94 20.06
C LEU A 55 -14.79 -50.77 19.26
N PRO A 56 -14.77 -50.87 17.93
CA PRO A 56 -14.24 -49.76 17.14
C PRO A 56 -15.09 -48.53 17.27
N PRO A 57 -14.51 -47.34 17.11
CA PRO A 57 -15.30 -46.10 17.18
C PRO A 57 -16.37 -46.08 16.10
N ALA A 58 -17.48 -45.42 16.42
CA ALA A 58 -18.63 -45.36 15.54
C ALA A 58 -18.97 -43.92 15.22
N TYR A 59 -19.67 -43.73 14.10
CA TYR A 59 -19.97 -42.40 13.60
C TYR A 59 -21.38 -42.39 13.03
N THR A 60 -21.94 -41.18 12.89
CA THR A 60 -23.23 -41.01 12.25
C THR A 60 -23.26 -39.65 11.57
N ASN A 61 -24.39 -39.35 10.92
CA ASN A 61 -24.55 -38.12 10.16
C ASN A 61 -25.42 -37.14 10.94
N SER A 62 -24.96 -35.89 11.03
CA SER A 62 -25.65 -34.88 11.81
C SER A 62 -26.84 -34.25 11.09
N PHE A 63 -27.03 -34.57 9.81
CA PHE A 63 -28.11 -33.99 8.98
C PHE A 63 -28.03 -32.48 9.07
N THR A 64 -29.11 -31.77 9.38
CA THR A 64 -29.11 -30.32 9.52
C THR A 64 -29.34 -29.88 10.96
N ARG A 65 -28.89 -30.69 11.91
CA ARG A 65 -29.10 -30.41 13.32
C ARG A 65 -28.00 -29.49 13.85
N GLY A 66 -28.26 -28.89 15.02
CA GLY A 66 -27.26 -28.11 15.71
C GLY A 66 -27.37 -26.60 15.54
N VAL A 67 -28.31 -26.11 14.75
CA VAL A 67 -28.46 -24.66 14.57
C VAL A 67 -28.99 -24.05 15.86
N TYR A 68 -28.44 -22.88 16.21
CA TYR A 68 -28.85 -22.18 17.43
C TYR A 68 -29.02 -20.70 17.12
N TYR A 69 -29.71 -20.00 18.00
CA TYR A 69 -29.89 -18.57 17.86
C TYR A 69 -28.57 -17.87 18.19
N PRO A 70 -27.95 -17.15 17.25
CA PRO A 70 -26.64 -16.57 17.53
C PRO A 70 -26.68 -15.25 18.28
N ASP A 71 -27.85 -14.64 18.45
CA ASP A 71 -27.95 -13.35 19.12
C ASP A 71 -29.35 -13.23 19.72
N LYS A 72 -29.65 -12.05 20.26
CA LYS A 72 -30.92 -11.79 20.94
C LYS A 72 -31.71 -10.69 20.24
N VAL A 73 -31.46 -10.49 18.95
CA VAL A 73 -32.11 -9.39 18.22
C VAL A 73 -33.55 -9.75 17.93
N PHE A 74 -34.44 -8.77 18.14
CA PHE A 74 -35.87 -8.98 17.91
C PHE A 74 -36.16 -8.99 16.41
N ARG A 75 -36.65 -10.13 15.91
CA ARG A 75 -36.85 -10.34 14.48
C ARG A 75 -38.24 -10.88 14.20
N SER A 76 -38.69 -10.68 12.97
CA SER A 76 -39.96 -11.24 12.51
C SER A 76 -39.94 -11.35 10.99
N SER A 77 -40.04 -12.58 10.48
CA SER A 77 -40.23 -12.86 9.05
C SER A 77 -39.12 -12.26 8.19
N VAL A 78 -37.87 -12.58 8.53
CA VAL A 78 -36.72 -12.07 7.79
C VAL A 78 -35.67 -13.17 7.64
N LEU A 79 -34.87 -13.06 6.58
CA LEU A 79 -33.68 -13.88 6.41
C LEU A 79 -32.46 -13.08 6.84
N HIS A 80 -31.54 -13.76 7.54
CA HIS A 80 -30.39 -13.08 8.13
C HIS A 80 -29.15 -13.93 7.92
N SER A 81 -28.10 -13.31 7.37
CA SER A 81 -26.84 -14.00 7.10
C SER A 81 -25.83 -13.68 8.19
N THR A 82 -25.17 -14.70 8.73
CA THR A 82 -24.24 -14.48 9.82
C THR A 82 -23.11 -15.52 9.77
N GLN A 83 -21.90 -15.05 10.06
CA GLN A 83 -20.72 -15.91 10.19
C GLN A 83 -20.48 -16.14 11.68
N ASP A 84 -20.61 -17.39 12.11
CA ASP A 84 -20.45 -17.69 13.53
C ASP A 84 -20.03 -19.16 13.63
N LEU A 85 -19.82 -19.64 14.85
CA LEU A 85 -19.32 -20.98 15.08
C LEU A 85 -20.50 -21.95 15.03
N PHE A 86 -20.59 -22.70 13.94
CA PHE A 86 -21.73 -23.58 13.68
C PHE A 86 -21.23 -24.98 13.34
N LEU A 87 -22.14 -25.94 13.50
CA LEU A 87 -21.88 -27.30 13.08
C LEU A 87 -22.21 -27.45 11.60
N PRO A 88 -21.26 -27.80 10.74
CA PRO A 88 -21.58 -28.00 9.32
C PRO A 88 -22.64 -29.08 9.14
N PHE A 89 -23.53 -28.86 8.16
CA PHE A 89 -24.56 -29.84 7.86
C PHE A 89 -23.93 -31.13 7.34
N PHE A 90 -24.58 -32.25 7.67
CA PHE A 90 -24.16 -33.58 7.22
C PHE A 90 -22.74 -33.91 7.64
N SER A 91 -22.36 -33.49 8.85
CA SER A 91 -21.05 -33.85 9.38
C SER A 91 -21.03 -35.27 9.95
N ASN A 92 -19.89 -35.92 9.83
CA ASN A 92 -19.63 -37.21 10.47
C ASN A 92 -19.31 -37.00 11.95
N VAL A 93 -20.33 -37.12 12.78
CA VAL A 93 -20.18 -36.87 14.20
C VAL A 93 -19.96 -38.18 14.92
N THR A 94 -19.25 -38.12 16.04
CA THR A 94 -18.85 -39.33 16.75
C THR A 94 -20.00 -39.86 17.60
N TRP A 95 -20.16 -41.18 17.60
CA TRP A 95 -21.29 -41.86 18.23
C TRP A 95 -20.76 -42.68 19.41
N PHE A 96 -21.32 -42.45 20.59
CA PHE A 96 -20.89 -43.10 21.82
C PHE A 96 -22.12 -43.73 22.46
N HIS A 97 -21.98 -44.93 23.01
CA HIS A 97 -23.13 -45.65 23.53
C HIS A 97 -22.79 -46.36 24.83
N ALA A 98 -23.71 -46.26 25.80
CA ALA A 98 -23.64 -47.03 27.04
C ALA A 98 -24.70 -48.13 26.96
N ILE A 99 -24.24 -49.39 26.88
CA ILE A 99 -25.11 -50.55 26.70
C ILE A 99 -24.49 -51.75 27.40
N HIS A 100 -25.22 -52.87 27.45
CA HIS A 100 -24.66 -54.16 27.84
C HIS A 100 -25.33 -55.22 26.98
N VAL A 101 -24.57 -55.76 26.02
CA VAL A 101 -25.14 -56.67 25.03
C VAL A 101 -25.29 -58.06 25.62
N SER A 102 -26.43 -58.69 25.34
CA SER A 102 -26.69 -60.03 25.85
C SER A 102 -25.77 -61.06 25.21
N GLY A 103 -25.59 -62.17 25.91
CA GLY A 103 -24.76 -63.27 25.43
C GLY A 103 -23.51 -63.44 26.28
N THR A 104 -22.75 -64.47 25.94
CA THR A 104 -21.49 -64.76 26.63
C THR A 104 -20.42 -63.80 26.13
N ASN A 105 -19.81 -63.07 27.06
CA ASN A 105 -18.85 -62.00 26.73
C ASN A 105 -19.47 -61.02 25.76
N GLY A 106 -20.75 -60.71 25.96
CA GLY A 106 -21.41 -59.73 25.13
C GLY A 106 -20.77 -58.36 25.28
N THR A 107 -20.90 -57.56 24.22
CA THR A 107 -20.30 -56.23 24.22
C THR A 107 -20.81 -55.42 25.42
N LYS A 108 -19.86 -54.85 26.16
CA LYS A 108 -20.18 -54.04 27.33
C LYS A 108 -19.38 -52.75 27.23
N ARG A 109 -20.10 -51.64 27.03
CA ARG A 109 -19.47 -50.35 26.81
C ARG A 109 -20.04 -49.33 27.78
N PHE A 110 -19.15 -48.50 28.32
CA PHE A 110 -19.54 -47.37 29.17
C PHE A 110 -18.60 -46.23 28.77
N ASP A 111 -19.08 -45.43 27.82
CA ASP A 111 -18.20 -44.51 27.10
C ASP A 111 -18.15 -43.17 27.81
N ASN A 112 -17.04 -42.90 28.49
CA ASN A 112 -16.78 -41.57 29.07
C ASN A 112 -15.33 -41.13 28.86
N PRO A 113 -14.83 -41.16 27.62
CA PRO A 113 -13.43 -40.78 27.40
C PRO A 113 -13.25 -39.27 27.42
N VAL A 114 -11.99 -38.86 27.54
CA VAL A 114 -11.63 -37.46 27.37
C VAL A 114 -11.81 -37.07 25.91
N LEU A 115 -12.41 -35.92 25.66
CA LEU A 115 -12.55 -35.42 24.30
C LEU A 115 -12.02 -34.00 24.25
N PRO A 116 -11.51 -33.57 23.10
CA PRO A 116 -11.10 -32.16 22.97
C PRO A 116 -12.32 -31.25 23.02
N PHE A 117 -12.09 -29.98 23.31
CA PHE A 117 -13.15 -28.99 23.21
C PHE A 117 -13.04 -28.11 21.97
N ASN A 118 -11.82 -27.75 21.56
CA ASN A 118 -11.56 -26.93 20.37
C ASN A 118 -12.40 -25.65 20.48
N ASP A 119 -13.20 -25.30 19.47
CA ASP A 119 -13.89 -24.01 19.43
C ASP A 119 -15.36 -24.11 19.81
N GLY A 120 -15.76 -25.17 20.51
CA GLY A 120 -17.16 -25.36 20.86
C GLY A 120 -17.68 -26.70 20.40
N VAL A 121 -18.75 -27.20 21.05
CA VAL A 121 -19.21 -28.56 20.85
C VAL A 121 -20.73 -28.59 20.69
N TYR A 122 -21.19 -29.32 19.67
CA TYR A 122 -22.56 -29.76 19.58
C TYR A 122 -22.65 -31.15 20.18
N PHE A 123 -23.63 -31.36 21.07
CA PHE A 123 -23.78 -32.61 21.78
C PHE A 123 -25.24 -33.03 21.68
N ALA A 124 -25.48 -34.30 21.40
CA ALA A 124 -26.85 -34.80 21.32
C ALA A 124 -26.97 -36.09 22.11
N SER A 125 -28.02 -36.19 22.92
CA SER A 125 -28.28 -37.40 23.70
C SER A 125 -29.59 -38.02 23.26
N THR A 126 -29.57 -39.33 23.02
CA THR A 126 -30.77 -40.12 22.83
C THR A 126 -30.92 -40.99 24.08
N GLU A 127 -31.99 -40.73 24.84
CA GLU A 127 -32.17 -41.33 26.16
C GLU A 127 -33.58 -41.87 26.33
N LYS A 128 -33.66 -42.88 27.20
CA LYS A 128 -34.91 -43.34 27.78
C LYS A 128 -34.87 -43.51 29.29
N SER A 129 -33.72 -43.89 29.86
CA SER A 129 -33.61 -44.12 31.30
C SER A 129 -32.64 -43.13 31.94
N ASN A 130 -32.31 -42.05 31.23
CA ASN A 130 -31.55 -40.92 31.79
C ASN A 130 -30.19 -41.38 32.31
N ILE A 131 -29.35 -41.87 31.39
CA ILE A 131 -28.01 -42.30 31.75
C ILE A 131 -27.01 -41.14 31.72
N ILE A 132 -27.05 -40.32 30.67
CA ILE A 132 -26.17 -39.15 30.61
C ILE A 132 -26.59 -38.16 31.69
N ARG A 133 -25.65 -37.81 32.57
CA ARG A 133 -25.93 -36.95 33.71
C ARG A 133 -25.22 -35.61 33.69
N GLY A 134 -24.24 -35.41 32.84
CA GLY A 134 -23.63 -34.09 32.76
C GLY A 134 -22.26 -34.12 32.13
N TRP A 135 -21.45 -33.12 32.50
CA TRP A 135 -20.16 -32.92 31.86
C TRP A 135 -19.20 -32.25 32.83
N ILE A 136 -17.91 -32.38 32.52
CA ILE A 136 -16.86 -31.56 33.11
C ILE A 136 -16.00 -30.99 31.99
N PHE A 137 -15.58 -29.73 32.16
CA PHE A 137 -14.84 -28.98 31.16
C PHE A 137 -13.58 -28.42 31.79
N GLY A 138 -12.46 -28.51 31.08
CA GLY A 138 -11.23 -27.91 31.58
C GLY A 138 -10.04 -28.14 30.68
N THR A 139 -8.83 -27.94 31.20
CA THR A 139 -7.64 -28.20 30.41
C THR A 139 -6.85 -29.37 30.98
N THR A 140 -6.48 -29.27 32.26
CA THR A 140 -5.80 -30.37 32.93
C THR A 140 -6.79 -31.34 33.58
N LEU A 141 -7.97 -30.88 33.96
CA LEU A 141 -8.95 -31.68 34.70
C LEU A 141 -8.34 -32.23 35.99
N ASP A 142 -7.50 -31.43 36.63
CA ASP A 142 -6.96 -31.74 37.95
C ASP A 142 -6.83 -30.43 38.71
N SER A 143 -6.34 -30.51 39.95
CA SER A 143 -6.32 -29.32 40.81
C SER A 143 -5.34 -28.26 40.34
N LYS A 144 -4.49 -28.58 39.35
CA LYS A 144 -3.56 -27.57 38.83
C LYS A 144 -4.28 -26.45 38.10
N THR A 145 -5.51 -26.67 37.64
CA THR A 145 -6.31 -25.67 36.95
C THR A 145 -7.74 -25.73 37.45
N GLN A 146 -8.51 -24.70 37.12
CA GLN A 146 -9.93 -24.67 37.41
C GLN A 146 -10.70 -25.48 36.37
N SER A 147 -11.82 -26.06 36.81
CA SER A 147 -12.67 -26.83 35.91
C SER A 147 -14.14 -26.54 36.22
N LEU A 148 -14.96 -26.72 35.19
CA LEU A 148 -16.40 -26.52 35.27
C LEU A 148 -17.11 -27.87 35.32
N LEU A 149 -18.04 -28.01 36.26
CA LEU A 149 -18.83 -29.22 36.44
C LEU A 149 -20.29 -28.86 36.31
N ILE A 150 -20.99 -29.54 35.38
CA ILE A 150 -22.42 -29.39 35.23
C ILE A 150 -23.02 -30.79 35.32
N VAL A 151 -23.64 -31.10 36.46
CA VAL A 151 -24.04 -32.47 36.74
C VAL A 151 -25.40 -32.46 37.41
N ASN A 152 -26.27 -33.37 36.97
CA ASN A 152 -27.60 -33.53 37.55
C ASN A 152 -27.58 -34.83 38.35
N ASN A 153 -27.57 -34.71 39.67
CA ASN A 153 -27.40 -35.84 40.58
C ASN A 153 -28.71 -36.39 41.09
N ALA A 154 -29.76 -36.37 40.25
CA ALA A 154 -31.07 -36.97 40.50
C ALA A 154 -31.87 -36.18 41.53
N THR A 155 -31.26 -35.17 42.15
CA THR A 155 -31.96 -34.26 43.03
C THR A 155 -31.79 -32.79 42.69
N ASN A 156 -30.69 -32.41 42.04
CA ASN A 156 -30.41 -31.03 41.74
C ASN A 156 -29.54 -30.94 40.49
N VAL A 157 -29.60 -29.80 39.82
CA VAL A 157 -28.64 -29.44 38.80
C VAL A 157 -27.55 -28.59 39.45
N VAL A 158 -26.30 -29.04 39.35
CA VAL A 158 -25.18 -28.42 40.04
C VAL A 158 -24.19 -27.92 39.01
N ILE A 159 -23.82 -26.64 39.13
CA ILE A 159 -22.84 -26.00 38.25
C ILE A 159 -21.77 -25.40 39.14
N LYS A 160 -20.54 -25.89 39.03
CA LYS A 160 -19.48 -25.47 39.93
C LYS A 160 -18.18 -25.29 39.16
N VAL A 161 -17.49 -24.19 39.44
CA VAL A 161 -16.19 -23.91 38.82
C VAL A 161 -15.15 -23.90 39.93
N CYS A 162 -14.31 -24.93 39.96
CA CYS A 162 -13.46 -25.17 41.12
C CYS A 162 -12.28 -26.03 40.69
N GLU A 163 -11.26 -26.09 41.54
CA GLU A 163 -10.10 -26.95 41.31
C GLU A 163 -10.44 -28.38 41.72
N PHE A 164 -10.73 -29.24 40.74
CA PHE A 164 -11.21 -30.58 40.98
C PHE A 164 -10.13 -31.61 40.70
N GLN A 165 -9.94 -32.56 41.60
CA GLN A 165 -9.25 -33.82 41.31
C GLN A 165 -10.29 -34.82 40.79
N PHE A 166 -10.57 -34.74 39.50
CA PHE A 166 -11.54 -35.64 38.89
C PHE A 166 -10.99 -37.05 38.85
N CYS A 167 -11.89 -38.02 39.00
CA CYS A 167 -11.49 -39.41 38.88
C CYS A 167 -11.12 -39.75 37.45
N ASN A 168 -10.21 -40.72 37.30
CA ASN A 168 -9.84 -41.18 35.96
C ASN A 168 -11.06 -41.77 35.26
N ASP A 169 -11.94 -42.41 36.01
CA ASP A 169 -13.18 -42.99 35.49
C ASP A 169 -14.34 -42.45 36.31
N PRO A 170 -14.70 -41.18 36.13
CA PRO A 170 -15.76 -40.58 36.95
C PRO A 170 -17.14 -41.04 36.49
N PHE A 171 -18.03 -41.25 37.45
CA PHE A 171 -19.36 -41.73 37.07
C PHE A 171 -20.34 -41.59 38.24
N LEU A 172 -21.62 -41.64 37.90
CA LEU A 172 -22.69 -41.73 38.87
C LEU A 172 -23.29 -43.12 38.82
N GLY A 173 -23.96 -43.50 39.92
CA GLY A 173 -24.47 -44.85 40.01
C GLY A 173 -25.84 -44.94 40.67
N VAL A 174 -26.73 -45.73 40.06
CA VAL A 174 -28.08 -45.94 40.54
C VAL A 174 -28.22 -47.40 40.96
N TYR A 175 -28.88 -47.64 42.08
CA TYR A 175 -29.07 -48.97 42.61
C TYR A 175 -30.55 -49.35 42.55
N TYR A 176 -30.83 -50.54 42.02
CA TYR A 176 -32.17 -51.08 41.98
C TYR A 176 -32.34 -52.07 43.12
N HIS A 177 -33.31 -51.82 43.99
CA HIS A 177 -33.57 -52.64 45.16
C HIS A 177 -34.73 -53.57 44.84
N LYS A 178 -34.45 -54.88 44.83
CA LYS A 178 -35.41 -55.86 44.34
C LYS A 178 -36.70 -55.87 45.17
N ASN A 179 -36.57 -55.81 46.49
CA ASN A 179 -37.73 -56.06 47.35
C ASN A 179 -38.81 -54.99 47.20
N ASN A 180 -38.44 -53.72 47.06
CA ASN A 180 -39.43 -52.67 46.87
C ASN A 180 -39.38 -52.08 45.47
N LYS A 181 -38.61 -52.67 44.55
CA LYS A 181 -38.62 -52.28 43.14
C LYS A 181 -38.31 -50.80 42.96
N SER A 182 -37.31 -50.32 43.68
CA SER A 182 -37.00 -48.90 43.76
C SER A 182 -35.66 -48.61 43.11
N TRP A 183 -35.62 -47.59 42.26
CA TRP A 183 -34.38 -47.11 41.65
C TRP A 183 -33.95 -45.83 42.36
N MET A 184 -32.88 -45.92 43.14
CA MET A 184 -32.38 -44.82 43.96
C MET A 184 -30.95 -44.46 43.58
N GLU A 185 -30.65 -43.16 43.65
CA GLU A 185 -29.29 -42.69 43.42
C GLU A 185 -28.39 -43.17 44.56
N SER A 186 -27.25 -43.76 44.21
CA SER A 186 -26.43 -44.40 45.23
C SER A 186 -24.97 -43.94 45.20
N GLU A 187 -24.45 -43.59 44.03
CA GLU A 187 -23.02 -43.32 43.91
C GLU A 187 -22.77 -42.03 43.16
N PHE A 188 -21.80 -41.25 43.65
CA PHE A 188 -21.32 -40.03 42.98
C PHE A 188 -19.79 -40.06 43.06
N ARG A 189 -19.16 -40.42 41.94
CA ARG A 189 -17.74 -40.72 41.88
C ARG A 189 -17.08 -39.91 40.77
N VAL A 190 -17.27 -38.60 40.81
CA VAL A 190 -16.75 -37.70 39.78
C VAL A 190 -15.37 -37.16 40.15
N TYR A 191 -15.21 -36.65 41.37
CA TYR A 191 -13.95 -36.03 41.78
C TYR A 191 -13.61 -36.46 43.20
N SER A 192 -12.33 -36.38 43.53
CA SER A 192 -11.84 -36.76 44.84
C SER A 192 -11.58 -35.57 45.77
N SER A 193 -11.47 -34.36 45.22
CA SER A 193 -11.32 -33.17 46.05
C SER A 193 -11.64 -31.94 45.21
N ALA A 194 -12.02 -30.87 45.89
CA ALA A 194 -12.37 -29.61 45.24
C ALA A 194 -11.89 -28.47 46.11
N ASN A 195 -10.97 -27.67 45.57
CA ASN A 195 -10.38 -26.57 46.33
C ASN A 195 -10.35 -25.30 45.46
N ASN A 196 -10.38 -24.14 46.15
CA ASN A 196 -10.58 -22.84 45.49
C ASN A 196 -11.78 -22.85 44.55
N CYS A 197 -12.94 -23.15 45.10
CA CYS A 197 -14.16 -23.09 44.32
C CYS A 197 -14.57 -21.63 44.12
N THR A 198 -14.84 -21.26 42.86
CA THR A 198 -15.05 -19.87 42.48
C THR A 198 -16.44 -19.58 41.93
N PHE A 199 -17.25 -20.61 41.69
CA PHE A 199 -18.60 -20.42 41.18
C PHE A 199 -19.44 -21.62 41.59
N GLU A 200 -20.63 -21.36 42.12
CA GLU A 200 -21.50 -22.43 42.58
C GLU A 200 -22.96 -22.04 42.36
N TYR A 201 -23.70 -22.89 41.66
CA TYR A 201 -25.14 -22.78 41.53
C TYR A 201 -25.77 -24.14 41.75
N VAL A 202 -26.79 -24.19 42.61
CA VAL A 202 -27.54 -25.41 42.88
C VAL A 202 -29.00 -25.10 42.62
N SER A 203 -29.61 -25.83 41.69
CA SER A 203 -30.99 -25.59 41.31
C SER A 203 -31.94 -26.02 42.42
N GLN A 204 -33.21 -25.63 42.26
CA GLN A 204 -34.26 -26.05 43.17
C GLN A 204 -34.37 -27.56 43.15
N PRO A 205 -34.71 -28.21 44.26
CA PRO A 205 -34.68 -29.67 44.33
C PRO A 205 -35.81 -30.32 43.54
N PHE A 206 -35.56 -31.55 43.13
CA PHE A 206 -36.53 -32.36 42.42
C PHE A 206 -36.25 -33.83 42.74
N LEU A 207 -37.11 -34.72 42.25
CA LEU A 207 -36.91 -36.16 42.39
C LEU A 207 -37.12 -36.77 41.00
N MET A 208 -36.01 -37.10 40.35
CA MET A 208 -36.06 -37.56 38.96
C MET A 208 -36.28 -39.07 38.89
N ASP A 209 -37.00 -39.49 37.84
CA ASP A 209 -37.23 -40.91 37.60
C ASP A 209 -35.94 -41.58 37.17
N LEU A 210 -35.47 -42.53 37.97
CA LEU A 210 -34.23 -43.25 37.70
C LEU A 210 -34.45 -44.66 37.18
N GLU A 211 -35.70 -45.03 36.89
CA GLU A 211 -36.01 -46.38 36.44
C GLU A 211 -35.36 -46.69 35.10
N GLY A 212 -34.76 -47.88 35.01
CA GLY A 212 -34.33 -48.39 33.71
C GLY A 212 -35.54 -48.84 32.90
N LYS A 213 -35.71 -48.26 31.73
CA LYS A 213 -36.92 -48.45 30.94
C LYS A 213 -36.69 -49.42 29.79
N GLN A 214 -37.79 -49.96 29.27
CA GLN A 214 -37.77 -50.79 28.08
C GLN A 214 -38.21 -49.98 26.86
N GLY A 215 -37.86 -50.49 25.67
CA GLY A 215 -38.32 -49.91 24.43
C GLY A 215 -37.27 -49.07 23.71
N ASN A 216 -37.79 -48.21 22.82
CA ASN A 216 -36.96 -47.33 22.02
C ASN A 216 -36.64 -46.05 22.79
N PHE A 217 -35.56 -45.37 22.38
CA PHE A 217 -35.22 -44.09 22.99
C PHE A 217 -36.35 -43.09 22.78
N LYS A 218 -36.69 -42.34 23.83
CA LYS A 218 -37.87 -41.50 23.82
C LYS A 218 -37.60 -40.01 23.95
N ASN A 219 -36.40 -39.58 24.35
CA ASN A 219 -36.13 -38.14 24.35
C ASN A 219 -34.76 -37.84 23.74
N LEU A 220 -34.74 -36.80 22.90
CA LEU A 220 -33.53 -36.25 22.31
C LEU A 220 -33.22 -34.93 23.01
N ARG A 221 -31.99 -34.80 23.49
CA ARG A 221 -31.58 -33.63 24.26
C ARG A 221 -30.34 -33.07 23.60
N GLU A 222 -30.44 -31.86 23.05
CA GLU A 222 -29.36 -31.27 22.28
C GLU A 222 -28.83 -30.03 22.97
N PHE A 223 -27.49 -29.90 22.94
CA PHE A 223 -26.80 -28.78 23.56
C PHE A 223 -25.74 -28.24 22.61
N VAL A 224 -25.57 -26.92 22.64
CA VAL A 224 -24.45 -26.24 21.99
C VAL A 224 -23.67 -25.52 23.08
N PHE A 225 -22.39 -25.83 23.17
CA PHE A 225 -21.51 -25.29 24.20
C PHE A 225 -20.43 -24.44 23.54
N LYS A 226 -20.30 -23.20 24.00
CA LYS A 226 -19.26 -22.30 23.51
C LYS A 226 -18.55 -21.65 24.69
N ASN A 227 -17.29 -21.28 24.47
CA ASN A 227 -16.48 -20.59 25.50
C ASN A 227 -15.91 -19.34 24.83
N ILE A 228 -16.57 -18.20 25.03
CA ILE A 228 -16.23 -16.97 24.32
C ILE A 228 -16.00 -15.87 25.34
N ASP A 229 -14.79 -15.30 25.32
CA ASP A 229 -14.45 -14.12 26.13
C ASP A 229 -14.76 -14.35 27.61
N GLY A 230 -14.37 -15.52 28.09
CA GLY A 230 -14.55 -15.85 29.49
C GLY A 230 -15.95 -16.28 29.87
N TYR A 231 -16.88 -16.33 28.91
CA TYR A 231 -18.27 -16.68 29.18
C TYR A 231 -18.58 -18.02 28.55
N PHE A 232 -19.11 -18.94 29.35
CA PHE A 232 -19.53 -20.25 28.87
C PHE A 232 -21.00 -20.16 28.46
N LYS A 233 -21.26 -20.26 27.17
CA LYS A 233 -22.61 -20.13 26.62
C LYS A 233 -23.19 -21.51 26.39
N ILE A 234 -24.40 -21.73 26.91
CA ILE A 234 -25.12 -22.99 26.79
C ILE A 234 -26.43 -22.72 26.08
N TYR A 235 -26.64 -23.42 24.97
CA TYR A 235 -27.89 -23.43 24.22
C TYR A 235 -28.43 -24.87 24.25
N SER A 236 -29.75 -25.01 24.25
CA SER A 236 -30.31 -26.35 24.40
C SER A 236 -31.66 -26.45 23.71
N LYS A 237 -32.07 -27.70 23.45
CA LYS A 237 -33.36 -27.99 22.86
C LYS A 237 -33.77 -29.41 23.20
N HIS A 238 -35.04 -29.59 23.55
CA HIS A 238 -35.59 -30.87 23.99
C HIS A 238 -36.64 -31.34 22.99
N THR A 239 -36.58 -32.62 22.60
CA THR A 239 -37.54 -33.12 21.60
C THR A 239 -38.00 -34.53 21.93
N PRO A 240 -39.30 -34.80 21.84
CA PRO A 240 -39.77 -36.19 21.91
C PRO A 240 -39.42 -36.95 20.63
N ILE A 241 -38.94 -38.18 20.80
CA ILE A 241 -38.50 -39.02 19.69
C ILE A 241 -38.97 -40.45 19.93
N ASN A 242 -38.84 -41.28 18.90
CA ASN A 242 -39.07 -42.72 19.00
C ASN A 242 -38.16 -43.46 18.03
N LEU A 243 -37.00 -43.89 18.52
CA LEU A 243 -35.98 -44.48 17.65
C LEU A 243 -35.04 -45.35 18.48
N VAL A 244 -34.25 -46.15 17.78
CA VAL A 244 -33.22 -46.97 18.42
C VAL A 244 -31.82 -46.44 18.15
N ARG A 245 -31.60 -45.73 17.06
CA ARG A 245 -30.27 -45.26 16.67
C ARG A 245 -30.42 -44.04 15.77
N ASP A 246 -29.29 -43.38 15.51
CA ASP A 246 -29.21 -42.22 14.63
C ASP A 246 -29.93 -41.03 15.23
N LEU A 247 -30.00 -39.94 14.48
CA LEU A 247 -30.64 -38.71 14.93
C LEU A 247 -31.79 -38.35 14.01
N PRO A 248 -32.84 -37.72 14.54
CA PRO A 248 -33.99 -37.37 13.69
C PRO A 248 -33.63 -36.29 12.67
N GLN A 249 -34.36 -36.31 11.56
CA GLN A 249 -34.09 -35.39 10.46
C GLN A 249 -34.76 -34.04 10.65
N GLY A 250 -35.77 -33.96 11.52
CA GLY A 250 -36.53 -32.72 11.67
C GLY A 250 -35.67 -31.58 12.17
N PHE A 251 -35.93 -30.39 11.64
CA PHE A 251 -35.17 -29.20 12.00
C PHE A 251 -35.69 -28.61 13.30
N SER A 252 -34.77 -28.24 14.18
CA SER A 252 -35.11 -27.59 15.44
C SER A 252 -33.93 -26.73 15.87
N ALA A 253 -34.15 -25.43 16.02
CA ALA A 253 -33.11 -24.53 16.47
C ALA A 253 -33.00 -24.57 17.98
N LEU A 254 -31.77 -24.62 18.48
CA LEU A 254 -31.54 -24.60 19.92
C LEU A 254 -31.66 -23.18 20.45
N GLU A 255 -32.36 -23.04 21.52
CA GLU A 255 -32.69 -21.85 22.28
C GLU A 255 -31.62 -21.62 23.34
N PRO A 256 -31.06 -20.40 23.43
CA PRO A 256 -30.01 -20.17 24.44
C PRO A 256 -30.53 -20.44 25.84
N LEU A 257 -29.74 -21.21 26.60
CA LEU A 257 -30.15 -21.66 27.93
C LEU A 257 -29.58 -20.79 29.03
N VAL A 258 -28.26 -20.60 29.04
CA VAL A 258 -27.60 -19.88 30.13
C VAL A 258 -26.26 -19.33 29.66
N ASP A 259 -25.81 -18.26 30.29
CA ASP A 259 -24.52 -17.63 30.01
C ASP A 259 -23.76 -17.51 31.32
N LEU A 260 -22.75 -18.37 31.51
CA LEU A 260 -22.03 -18.44 32.78
C LEU A 260 -20.78 -17.56 32.75
N PRO A 261 -20.66 -16.57 33.64
CA PRO A 261 -19.42 -15.76 33.76
C PRO A 261 -18.35 -16.42 34.62
N ILE A 262 -17.57 -17.32 34.02
CA ILE A 262 -16.61 -18.12 34.77
C ILE A 262 -15.16 -17.83 34.40
N GLY A 263 -14.87 -17.38 33.18
CA GLY A 263 -13.53 -16.94 32.83
C GLY A 263 -12.43 -17.97 32.99
N ILE A 264 -12.65 -19.20 32.52
CA ILE A 264 -11.66 -20.26 32.63
C ILE A 264 -11.34 -20.79 31.24
N ASN A 265 -10.14 -21.35 31.10
CA ASN A 265 -9.73 -21.98 29.86
C ASN A 265 -10.33 -23.37 29.75
N ILE A 266 -10.82 -23.70 28.55
CA ILE A 266 -11.47 -24.98 28.28
C ILE A 266 -10.93 -25.52 26.97
N THR A 267 -10.26 -26.67 27.04
CA THR A 267 -9.77 -27.36 25.85
C THR A 267 -10.23 -28.81 25.77
N ARG A 268 -10.77 -29.37 26.85
CA ARG A 268 -11.15 -30.77 26.93
C ARG A 268 -12.42 -30.88 27.76
N PHE A 269 -13.17 -31.95 27.53
CA PHE A 269 -14.37 -32.21 28.30
C PHE A 269 -14.59 -33.71 28.43
N GLN A 270 -15.41 -34.07 29.41
CA GLN A 270 -15.73 -35.46 29.71
C GLN A 270 -17.20 -35.56 30.03
N THR A 271 -17.84 -36.61 29.54
CA THR A 271 -19.26 -36.86 29.80
C THR A 271 -19.42 -37.69 31.07
N LEU A 272 -20.35 -37.27 31.92
CA LEU A 272 -20.66 -37.95 33.18
C LEU A 272 -21.95 -38.73 32.98
N LEU A 273 -21.87 -40.05 33.14
CA LEU A 273 -22.96 -40.99 32.92
C LEU A 273 -23.32 -41.69 34.22
N ALA A 274 -24.52 -42.26 34.25
CA ALA A 274 -24.98 -43.04 35.40
C ALA A 274 -25.06 -44.52 35.03
N LEU A 275 -24.46 -45.37 35.86
CA LEU A 275 -24.55 -46.81 35.68
C LEU A 275 -25.58 -47.41 36.64
N HIS A 276 -25.77 -48.72 36.51
CA HIS A 276 -26.75 -49.46 37.30
C HIS A 276 -26.08 -50.57 38.10
N ARG A 277 -26.51 -50.74 39.35
CA ARG A 277 -26.15 -51.89 40.17
C ARG A 277 -27.40 -52.49 40.78
N SER A 278 -27.39 -53.80 40.94
CA SER A 278 -28.53 -54.53 41.49
C SER A 278 -28.07 -55.94 41.81
N TYR A 279 -29.03 -56.77 42.27
CA TYR A 279 -28.76 -58.18 42.48
C TYR A 279 -28.35 -58.90 41.20
N LEU A 280 -28.66 -58.32 40.04
CA LEU A 280 -28.29 -58.90 38.76
C LEU A 280 -26.86 -58.56 38.35
N THR A 281 -26.13 -57.80 39.17
CA THR A 281 -24.76 -57.39 38.86
C THR A 281 -23.84 -57.78 40.01
N PRO A 282 -23.57 -59.08 40.19
CA PRO A 282 -22.62 -59.49 41.23
C PRO A 282 -21.20 -59.07 40.86
N GLY A 283 -20.44 -58.70 41.88
CA GLY A 283 -19.05 -58.33 41.67
C GLY A 283 -18.62 -57.28 42.68
N ASP A 284 -17.40 -56.80 42.48
CA ASP A 284 -16.85 -55.75 43.30
C ASP A 284 -17.28 -54.38 42.78
N SER A 285 -16.77 -53.33 43.40
CA SER A 285 -17.08 -51.96 42.96
C SER A 285 -16.69 -51.73 41.51
N SER A 286 -15.65 -52.41 41.03
CA SER A 286 -15.18 -52.20 39.67
C SER A 286 -15.93 -53.05 38.65
N SER A 287 -16.40 -54.24 39.05
CA SER A 287 -17.01 -55.17 38.12
C SER A 287 -18.50 -55.40 38.35
N GLY A 288 -19.01 -55.06 39.53
CA GLY A 288 -20.42 -55.31 39.83
C GLY A 288 -21.32 -54.20 39.35
N TRP A 289 -21.50 -54.09 38.03
CA TRP A 289 -22.31 -53.02 37.45
C TRP A 289 -22.76 -53.44 36.06
N THR A 290 -23.78 -52.73 35.57
CA THR A 290 -24.26 -52.88 34.20
C THR A 290 -24.63 -51.50 33.68
N ALA A 291 -24.77 -51.40 32.36
CA ALA A 291 -25.02 -50.12 31.70
C ALA A 291 -26.44 -50.07 31.16
N GLY A 292 -27.18 -49.05 31.55
CA GLY A 292 -28.48 -48.79 30.95
C GLY A 292 -28.31 -48.18 29.56
N ALA A 293 -29.20 -48.59 28.65
CA ALA A 293 -29.10 -48.16 27.26
C ALA A 293 -29.17 -46.64 27.15
N ALA A 294 -28.21 -46.07 26.43
CA ALA A 294 -28.23 -44.64 26.13
C ALA A 294 -27.20 -44.37 25.03
N ALA A 295 -27.43 -43.31 24.27
CA ALA A 295 -26.46 -42.93 23.25
C ALA A 295 -26.26 -41.42 23.28
N TYR A 296 -25.07 -40.98 22.85
CA TYR A 296 -24.81 -39.57 22.65
C TYR A 296 -23.86 -39.39 21.47
N TYR A 297 -23.84 -38.17 20.97
CA TYR A 297 -23.17 -37.86 19.71
C TYR A 297 -22.47 -36.52 19.87
N VAL A 298 -21.26 -36.43 19.33
CA VAL A 298 -20.44 -35.24 19.44
C VAL A 298 -20.09 -34.75 18.04
N GLY A 299 -20.45 -33.49 17.77
CA GLY A 299 -19.99 -32.80 16.57
C GLY A 299 -19.33 -31.50 16.99
N TYR A 300 -18.57 -30.93 16.06
CA TYR A 300 -17.64 -29.86 16.40
C TYR A 300 -17.98 -28.58 15.66
N LEU A 301 -18.04 -27.47 16.40
CA LEU A 301 -18.29 -26.17 15.81
C LEU A 301 -17.08 -25.69 15.03
N GLN A 302 -17.34 -24.96 13.95
CA GLN A 302 -16.27 -24.27 13.22
C GLN A 302 -16.87 -23.01 12.60
N PRO A 303 -16.03 -22.06 12.22
CA PRO A 303 -16.55 -20.83 11.59
C PRO A 303 -17.28 -21.16 10.30
N ARG A 304 -18.58 -20.91 10.28
CA ARG A 304 -19.42 -21.14 9.11
C ARG A 304 -20.39 -19.98 8.93
N THR A 305 -20.74 -19.74 7.67
CA THR A 305 -21.69 -18.70 7.30
C THR A 305 -23.05 -19.35 7.03
N PHE A 306 -24.05 -19.00 7.83
CA PHE A 306 -25.41 -19.52 7.64
C PHE A 306 -26.38 -18.41 7.31
N LEU A 307 -27.36 -18.77 6.48
CA LEU A 307 -28.55 -17.96 6.24
C LEU A 307 -29.69 -18.55 7.06
N LEU A 308 -30.21 -17.77 8.00
CA LEU A 308 -31.23 -18.22 8.94
C LEU A 308 -32.56 -17.56 8.61
N LYS A 309 -33.64 -18.36 8.66
CA LYS A 309 -34.99 -17.88 8.41
C LYS A 309 -35.70 -17.68 9.74
N TYR A 310 -36.09 -16.43 10.03
CA TYR A 310 -36.88 -16.11 11.21
C TYR A 310 -38.32 -15.88 10.76
N ASN A 311 -39.24 -16.57 11.40
CA ASN A 311 -40.65 -16.53 11.00
C ASN A 311 -41.36 -15.35 11.67
N GLU A 312 -42.68 -15.32 11.57
CA GLU A 312 -43.45 -14.19 12.09
C GLU A 312 -43.31 -14.04 13.60
N ASN A 313 -43.00 -15.12 14.31
CA ASN A 313 -42.79 -15.07 15.74
C ASN A 313 -41.32 -14.99 16.13
N GLY A 314 -40.42 -14.88 15.16
CA GLY A 314 -39.01 -14.83 15.44
C GLY A 314 -38.32 -16.16 15.61
N THR A 315 -39.04 -17.26 15.37
CA THR A 315 -38.45 -18.60 15.49
C THR A 315 -37.66 -18.96 14.25
N ILE A 316 -36.46 -19.50 14.46
CA ILE A 316 -35.65 -20.00 13.35
C ILE A 316 -36.28 -21.29 12.87
N THR A 317 -36.88 -21.25 11.68
CA THR A 317 -37.59 -22.40 11.13
C THR A 317 -36.79 -23.15 10.08
N ASP A 318 -35.73 -22.54 9.54
CA ASP A 318 -34.88 -23.22 8.57
C ASP A 318 -33.57 -22.46 8.45
N ALA A 319 -32.57 -23.13 7.88
CA ALA A 319 -31.24 -22.57 7.77
C ALA A 319 -30.53 -23.17 6.56
N VAL A 320 -29.61 -22.39 6.01
CA VAL A 320 -28.76 -22.83 4.91
C VAL A 320 -27.31 -22.69 5.32
N ASP A 321 -26.56 -23.78 5.21
CA ASP A 321 -25.11 -23.81 5.42
C ASP A 321 -24.47 -23.51 4.08
N CYS A 322 -23.93 -22.30 3.94
CA CYS A 322 -23.54 -21.78 2.63
C CYS A 322 -22.50 -22.65 1.92
N ALA A 323 -21.63 -23.31 2.69
CA ALA A 323 -20.50 -24.03 2.11
C ALA A 323 -20.74 -25.53 1.98
N LEU A 324 -21.98 -25.98 2.16
CA LEU A 324 -22.26 -27.41 2.06
C LEU A 324 -22.09 -27.92 0.63
N ASP A 325 -22.67 -27.22 -0.33
CA ASP A 325 -22.72 -27.68 -1.71
C ASP A 325 -23.19 -26.50 -2.58
N PRO A 326 -22.99 -26.59 -3.91
CA PRO A 326 -23.31 -25.43 -4.77
C PRO A 326 -24.73 -24.89 -4.64
N LEU A 327 -25.72 -25.75 -4.39
CA LEU A 327 -27.09 -25.25 -4.23
C LEU A 327 -27.20 -24.29 -3.06
N SER A 328 -26.58 -24.65 -1.93
CA SER A 328 -26.54 -23.75 -0.78
C SER A 328 -25.77 -22.48 -1.12
N GLU A 329 -24.72 -22.60 -1.92
CA GLU A 329 -23.98 -21.41 -2.34
C GLU A 329 -24.88 -20.46 -3.13
N THR A 330 -25.70 -21.01 -4.02
CA THR A 330 -26.64 -20.19 -4.79
C THR A 330 -27.66 -19.54 -3.87
N LYS A 331 -28.20 -20.32 -2.92
CA LYS A 331 -29.19 -19.77 -2.00
C LYS A 331 -28.61 -18.62 -1.18
N CYS A 332 -27.38 -18.78 -0.68
CA CYS A 332 -26.74 -17.71 0.06
C CYS A 332 -26.39 -16.53 -0.83
N THR A 333 -26.07 -16.77 -2.10
CA THR A 333 -25.78 -15.67 -3.01
C THR A 333 -27.02 -14.82 -3.27
N LEU A 334 -28.16 -15.46 -3.51
CA LEU A 334 -29.39 -14.73 -3.82
C LEU A 334 -30.18 -14.31 -2.59
N LYS A 335 -29.69 -14.62 -1.38
CA LYS A 335 -30.38 -14.29 -0.13
C LYS A 335 -31.80 -14.82 -0.11
N SER A 336 -31.97 -16.08 -0.55
CA SER A 336 -33.29 -16.65 -0.67
C SER A 336 -33.21 -18.17 -0.53
N PHE A 337 -34.23 -18.75 0.09
CA PHE A 337 -34.34 -20.20 0.20
C PHE A 337 -34.83 -20.84 -1.10
N THR A 338 -35.40 -20.07 -2.01
CA THR A 338 -35.84 -20.55 -3.31
C THR A 338 -35.06 -19.82 -4.39
N VAL A 339 -34.47 -20.58 -5.32
CA VAL A 339 -33.70 -20.02 -6.43
C VAL A 339 -34.28 -20.55 -7.73
N GLU A 340 -34.55 -19.64 -8.67
CA GLU A 340 -35.14 -20.00 -9.95
C GLU A 340 -34.05 -20.42 -10.94
N LYS A 341 -34.49 -20.99 -12.06
CA LYS A 341 -33.57 -21.49 -13.07
C LYS A 341 -32.78 -20.35 -13.71
N GLY A 342 -31.57 -20.67 -14.13
CA GLY A 342 -30.74 -19.69 -14.81
C GLY A 342 -29.27 -20.00 -14.62
N ILE A 343 -28.44 -19.07 -15.10
CA ILE A 343 -26.99 -19.13 -15.00
C ILE A 343 -26.54 -17.96 -14.13
N TYR A 344 -25.75 -18.26 -13.10
CA TYR A 344 -25.26 -17.23 -12.19
C TYR A 344 -23.78 -17.43 -11.92
N GLN A 345 -22.98 -16.38 -12.13
CA GLN A 345 -21.56 -16.44 -11.88
C GLN A 345 -21.14 -15.75 -10.59
N THR A 346 -21.92 -14.79 -10.10
CA THR A 346 -21.61 -14.13 -8.84
C THR A 346 -21.67 -15.07 -7.65
N SER A 347 -22.26 -16.26 -7.81
CA SER A 347 -22.29 -17.21 -6.70
C SER A 347 -20.88 -17.64 -6.31
N ASN A 348 -20.02 -17.88 -7.30
CA ASN A 348 -18.60 -18.22 -7.15
C ASN A 348 -18.50 -19.36 -6.14
N PHE A 349 -17.57 -19.31 -5.19
CA PHE A 349 -17.37 -20.36 -4.20
C PHE A 349 -16.55 -19.76 -3.07
N ARG A 350 -16.75 -20.27 -1.87
CA ARG A 350 -15.98 -19.79 -0.73
C ARG A 350 -15.59 -20.93 0.18
N VAL A 351 -14.31 -20.97 0.56
CA VAL A 351 -13.85 -21.78 1.68
C VAL A 351 -13.98 -21.01 2.99
N GLN A 352 -14.31 -19.71 2.91
CA GLN A 352 -14.62 -18.78 3.99
C GLN A 352 -13.32 -18.30 4.61
N PRO A 353 -13.30 -17.22 5.37
CA PRO A 353 -12.08 -16.86 6.11
C PRO A 353 -12.11 -17.33 7.56
N THR A 354 -10.92 -17.34 8.16
CA THR A 354 -10.71 -17.96 9.47
C THR A 354 -10.66 -16.92 10.58
N GLU A 355 -9.84 -15.88 10.45
CA GLU A 355 -9.73 -14.86 11.49
C GLU A 355 -9.48 -13.52 10.82
N SER A 356 -9.60 -12.46 11.62
CA SER A 356 -9.41 -11.09 11.14
C SER A 356 -8.18 -10.48 11.79
N ILE A 357 -7.44 -9.70 11.02
CA ILE A 357 -6.22 -9.03 11.49
C ILE A 357 -6.37 -7.54 11.23
N VAL A 358 -6.03 -6.73 12.23
CA VAL A 358 -6.05 -5.27 12.13
C VAL A 358 -4.65 -4.75 12.43
N ARG A 359 -4.14 -3.88 11.56
CA ARG A 359 -2.79 -3.35 11.70
C ARG A 359 -2.77 -1.84 11.46
N PHE A 360 -1.98 -1.14 12.27
CA PHE A 360 -1.75 0.29 12.14
C PHE A 360 -0.36 0.58 12.67
N PRO A 361 0.25 1.69 12.26
CA PRO A 361 1.55 2.07 12.85
C PRO A 361 1.43 2.23 14.35
N ASN A 362 2.41 1.73 15.10
CA ASN A 362 2.20 1.71 16.55
C ASN A 362 2.53 3.09 17.10
N ILE A 363 1.51 3.90 17.31
CA ILE A 363 1.66 5.22 17.93
C ILE A 363 0.67 5.33 19.08
N THR A 364 1.16 5.77 20.23
CA THR A 364 0.35 5.90 21.43
C THR A 364 0.21 7.35 21.90
N ASN A 365 1.02 8.26 21.36
CA ASN A 365 1.01 9.65 21.81
C ASN A 365 -0.37 10.28 21.63
N LEU A 366 -0.80 11.03 22.63
CA LEU A 366 -2.12 11.65 22.62
C LEU A 366 -2.10 12.94 21.81
N CYS A 367 -3.18 13.19 21.05
CA CYS A 367 -3.26 14.39 20.23
C CYS A 367 -3.57 15.62 21.07
N PRO A 368 -3.13 16.80 20.63
CA PRO A 368 -3.34 18.02 21.41
C PRO A 368 -4.69 18.68 21.16
N PHE A 369 -5.64 17.94 20.58
CA PHE A 369 -6.96 18.52 20.28
C PHE A 369 -7.58 19.16 21.51
N GLY A 370 -7.44 18.51 22.67
CA GLY A 370 -7.94 19.12 23.89
C GLY A 370 -7.26 20.42 24.22
N GLU A 371 -5.95 20.50 24.01
CA GLU A 371 -5.22 21.74 24.27
C GLU A 371 -5.65 22.84 23.31
N VAL A 372 -5.89 22.49 22.04
CA VAL A 372 -6.31 23.49 21.06
C VAL A 372 -7.71 24.02 21.37
N PHE A 373 -8.65 23.11 21.66
CA PHE A 373 -10.02 23.54 21.90
C PHE A 373 -10.18 24.25 23.24
N ASN A 374 -9.29 24.00 24.19
CA ASN A 374 -9.35 24.62 25.51
C ASN A 374 -8.37 25.78 25.66
N ALA A 375 -7.89 26.34 24.55
CA ALA A 375 -7.02 27.50 24.60
C ALA A 375 -7.77 28.74 25.06
N THR A 376 -7.03 29.70 25.63
CA THR A 376 -7.65 30.90 26.15
C THR A 376 -7.86 31.97 25.07
N ARG A 377 -6.96 32.07 24.10
CA ARG A 377 -6.98 33.14 23.12
C ARG A 377 -6.78 32.57 21.73
N PHE A 378 -7.50 33.14 20.75
CA PHE A 378 -7.43 32.70 19.36
C PHE A 378 -7.24 33.91 18.46
N ALA A 379 -6.86 33.63 17.21
CA ALA A 379 -6.75 34.67 16.21
C ALA A 379 -8.12 34.99 15.62
N SER A 380 -8.16 36.03 14.80
CA SER A 380 -9.41 36.48 14.21
C SER A 380 -9.76 35.65 12.97
N VAL A 381 -10.96 35.90 12.43
CA VAL A 381 -11.44 35.11 11.30
C VAL A 381 -10.61 35.39 10.05
N TYR A 382 -10.21 36.65 9.83
CA TYR A 382 -9.37 36.95 8.69
C TYR A 382 -7.96 36.42 8.86
N ALA A 383 -7.56 36.08 10.09
CA ALA A 383 -6.26 35.52 10.37
C ALA A 383 -6.40 34.14 11.01
N TRP A 384 -7.26 33.30 10.43
CA TRP A 384 -7.56 31.99 10.99
C TRP A 384 -6.28 31.22 11.30
N ASN A 385 -6.22 30.66 12.51
CA ASN A 385 -5.00 30.04 13.00
C ASN A 385 -4.97 28.58 12.60
N ARG A 386 -3.89 28.17 11.94
CA ARG A 386 -3.76 26.81 11.42
C ARG A 386 -2.69 26.05 12.20
N LYS A 387 -3.05 24.88 12.69
CA LYS A 387 -2.11 23.96 13.34
C LYS A 387 -2.10 22.65 12.57
N ARG A 388 -0.90 22.07 12.41
CA ARG A 388 -0.74 20.78 11.76
C ARG A 388 -0.64 19.70 12.82
N ILE A 389 -1.39 18.62 12.63
CA ILE A 389 -1.39 17.47 13.53
C ILE A 389 -0.84 16.27 12.77
N SER A 390 0.21 15.67 13.31
CA SER A 390 0.88 14.50 12.76
C SER A 390 1.53 13.75 13.90
N ASN A 391 1.78 12.45 13.68
CA ASN A 391 2.42 11.57 14.65
C ASN A 391 1.61 11.48 15.95
N CYS A 392 0.42 10.89 15.84
CA CYS A 392 -0.48 10.80 16.98
C CYS A 392 -1.46 9.65 16.80
N VAL A 393 -2.10 9.27 17.90
CA VAL A 393 -3.25 8.38 17.88
C VAL A 393 -4.49 9.17 18.30
N ALA A 394 -5.56 9.02 17.55
CA ALA A 394 -6.72 9.90 17.63
C ALA A 394 -7.67 9.46 18.74
N ASP A 395 -8.54 10.39 19.15
CA ASP A 395 -9.58 10.11 20.15
C ASP A 395 -10.86 10.87 19.80
N TYR A 396 -11.30 10.82 18.54
CA TYR A 396 -12.52 11.53 18.15
C TYR A 396 -13.77 11.01 18.85
N SER A 397 -13.73 9.82 19.44
CA SER A 397 -14.93 9.29 20.07
C SER A 397 -15.43 10.19 21.20
N VAL A 398 -14.51 10.65 22.06
CA VAL A 398 -14.91 11.53 23.16
C VAL A 398 -15.36 12.89 22.63
N LEU A 399 -14.75 13.37 21.54
CA LEU A 399 -15.19 14.64 20.95
C LEU A 399 -16.61 14.54 20.43
N TYR A 400 -16.92 13.44 19.74
CA TYR A 400 -18.28 13.25 19.23
C TYR A 400 -19.28 13.07 20.36
N ASN A 401 -18.89 12.33 21.41
CA ASN A 401 -19.79 12.09 22.52
C ASN A 401 -19.96 13.29 23.44
N SER A 402 -19.13 14.32 23.29
CA SER A 402 -19.25 15.50 24.13
C SER A 402 -20.56 16.24 23.82
N ALA A 403 -21.22 16.72 24.88
CA ALA A 403 -22.49 17.40 24.76
C ALA A 403 -22.36 18.93 24.86
N SER A 404 -21.13 19.44 24.89
CA SER A 404 -20.90 20.88 25.01
C SER A 404 -20.74 21.57 23.66
N PHE A 405 -20.90 20.83 22.55
CA PHE A 405 -20.70 21.38 21.22
C PHE A 405 -22.06 21.64 20.58
N SER A 406 -22.30 22.89 20.18
CA SER A 406 -23.58 23.25 19.60
C SER A 406 -23.75 22.62 18.22
N THR A 407 -22.75 22.76 17.35
CA THR A 407 -22.80 22.21 16.00
C THR A 407 -21.58 21.33 15.77
N PHE A 408 -21.83 20.07 15.40
CA PHE A 408 -20.80 19.08 15.08
C PHE A 408 -21.24 18.45 13.77
N LYS A 409 -20.80 19.00 12.64
CA LYS A 409 -21.31 18.54 11.36
C LYS A 409 -20.15 18.15 10.46
N CYS A 410 -20.27 17.00 9.80
CA CYS A 410 -19.15 16.41 9.09
C CYS A 410 -19.56 16.14 7.64
N TYR A 411 -18.58 16.13 6.75
CA TYR A 411 -18.80 15.83 5.34
C TYR A 411 -17.70 14.89 4.86
N GLY A 412 -18.10 13.82 4.19
CA GLY A 412 -17.16 12.88 3.63
C GLY A 412 -17.04 11.62 4.46
N VAL A 413 -17.06 11.77 5.78
CA VAL A 413 -16.88 10.65 6.70
C VAL A 413 -17.91 10.77 7.82
N SER A 414 -18.57 9.66 8.13
CA SER A 414 -19.48 9.61 9.26
C SER A 414 -18.71 9.42 10.56
N PRO A 415 -19.23 9.93 11.68
CA PRO A 415 -18.51 9.77 12.96
C PRO A 415 -18.22 8.32 13.32
N THR A 416 -19.16 7.41 13.06
CA THR A 416 -18.90 6.00 13.34
C THR A 416 -17.80 5.44 12.44
N LYS A 417 -17.84 5.79 11.15
CA LYS A 417 -16.82 5.31 10.23
C LYS A 417 -15.48 6.01 10.41
N LEU A 418 -15.45 7.11 11.15
CA LEU A 418 -14.22 7.90 11.28
C LEU A 418 -13.17 7.16 12.10
N ASN A 419 -13.61 6.33 13.06
CA ASN A 419 -12.66 5.63 13.91
C ASN A 419 -11.83 4.61 13.13
N ASP A 420 -12.39 4.05 12.06
CA ASP A 420 -11.73 3.01 11.29
C ASP A 420 -11.10 3.53 10.00
N LEU A 421 -11.11 4.84 9.77
CA LEU A 421 -10.45 5.43 8.62
C LEU A 421 -9.15 6.10 9.06
N CYS A 422 -8.15 6.01 8.20
CA CYS A 422 -6.76 6.30 8.56
C CYS A 422 -6.25 7.45 7.71
N PHE A 423 -5.60 8.42 8.36
CA PHE A 423 -5.22 9.67 7.74
C PHE A 423 -3.71 9.84 7.73
N THR A 424 -3.23 10.77 6.91
CA THR A 424 -1.82 11.15 6.91
C THR A 424 -1.56 12.57 7.39
N ASN A 425 -2.49 13.51 7.23
CA ASN A 425 -2.30 14.84 7.78
C ASN A 425 -3.60 15.31 8.42
N VAL A 426 -3.50 16.09 9.51
CA VAL A 426 -4.65 16.75 10.09
C VAL A 426 -4.39 18.24 10.11
N TYR A 427 -5.35 19.03 9.62
CA TYR A 427 -5.27 20.48 9.66
C TYR A 427 -6.37 21.00 10.59
N ALA A 428 -5.98 21.74 11.63
CA ALA A 428 -6.93 22.32 12.56
C ALA A 428 -6.93 23.83 12.34
N ASP A 429 -8.03 24.37 11.81
CA ASP A 429 -8.16 25.81 11.60
C ASP A 429 -9.15 26.35 12.61
N SER A 430 -8.72 27.35 13.38
CA SER A 430 -9.50 27.89 14.49
C SER A 430 -9.74 29.38 14.29
N PHE A 431 -10.94 29.82 14.67
CA PHE A 431 -11.33 31.22 14.65
C PHE A 431 -12.62 31.37 15.45
N VAL A 432 -13.14 32.60 15.50
CA VAL A 432 -14.35 32.91 16.25
C VAL A 432 -15.22 33.83 15.40
N ILE A 433 -16.52 33.49 15.29
CA ILE A 433 -17.46 34.31 14.53
C ILE A 433 -18.80 34.36 15.26
N ARG A 434 -19.66 35.27 14.82
CA ARG A 434 -21.00 35.36 15.41
C ARG A 434 -21.85 34.17 14.97
N GLY A 435 -22.88 33.90 15.78
CA GLY A 435 -23.58 32.63 15.70
C GLY A 435 -24.26 32.40 14.37
N ASP A 436 -24.90 33.44 13.83
CA ASP A 436 -25.63 33.29 12.57
C ASP A 436 -24.69 32.98 11.41
N GLU A 437 -23.47 33.51 11.45
CA GLU A 437 -22.51 33.22 10.39
C GLU A 437 -22.00 31.78 10.44
N VAL A 438 -22.25 31.06 11.53
CA VAL A 438 -21.75 29.69 11.66
C VAL A 438 -22.31 28.82 10.54
N ARG A 439 -23.56 29.06 10.15
CA ARG A 439 -24.17 28.29 9.07
C ARG A 439 -23.48 28.49 7.73
N GLN A 440 -22.67 29.54 7.59
CA GLN A 440 -21.96 29.77 6.34
C GLN A 440 -20.70 28.91 6.19
N ILE A 441 -20.22 28.30 7.26
CA ILE A 441 -19.05 27.44 7.16
C ILE A 441 -19.49 26.07 6.69
N ALA A 442 -19.57 25.89 5.37
CA ALA A 442 -20.06 24.65 4.77
C ALA A 442 -19.66 24.61 3.30
N PRO A 443 -19.40 23.42 2.75
CA PRO A 443 -19.01 23.33 1.33
C PRO A 443 -20.12 23.82 0.42
N GLY A 444 -19.70 24.45 -0.68
CA GLY A 444 -20.64 24.91 -1.70
C GLY A 444 -21.62 25.96 -1.24
N GLN A 445 -21.17 26.95 -0.48
CA GLN A 445 -22.03 27.99 0.05
C GLN A 445 -21.39 29.36 -0.20
N THR A 446 -22.23 30.39 -0.21
CA THR A 446 -21.81 31.76 -0.46
C THR A 446 -21.99 32.60 0.80
N GLY A 447 -21.78 33.90 0.66
CA GLY A 447 -21.87 34.81 1.78
C GLY A 447 -20.61 35.62 1.95
N LYS A 448 -20.67 36.72 2.70
CA LYS A 448 -19.50 37.58 2.89
C LYS A 448 -18.38 36.81 3.57
N ILE A 449 -18.70 35.99 4.57
CA ILE A 449 -17.69 35.23 5.29
C ILE A 449 -17.07 34.19 4.38
N ALA A 450 -17.90 33.46 3.63
CA ALA A 450 -17.37 32.46 2.71
C ALA A 450 -16.57 33.11 1.58
N ASP A 451 -17.04 34.25 1.07
CA ASP A 451 -16.37 34.88 -0.06
C ASP A 451 -15.06 35.55 0.35
N TYR A 452 -15.03 36.14 1.55
CA TYR A 452 -13.99 37.10 1.89
C TYR A 452 -13.17 36.76 3.11
N ASN A 453 -13.55 35.74 3.89
CA ASN A 453 -12.84 35.43 5.11
C ASN A 453 -12.33 34.00 5.18
N TYR A 454 -13.13 33.03 4.72
CA TYR A 454 -12.72 31.63 4.79
C TYR A 454 -13.54 30.84 3.79
N LYS A 455 -12.85 30.08 2.93
CA LYS A 455 -13.49 29.31 1.88
C LYS A 455 -13.30 27.82 2.13
N LEU A 456 -14.25 27.03 1.64
CA LEU A 456 -14.18 25.58 1.68
C LEU A 456 -14.34 25.02 0.27
N PRO A 457 -13.63 23.95 -0.05
CA PRO A 457 -13.73 23.38 -1.39
C PRO A 457 -15.00 22.56 -1.57
N ASP A 458 -15.40 22.43 -2.84
CA ASP A 458 -16.57 21.64 -3.18
C ASP A 458 -16.32 20.15 -2.99
N ASP A 459 -15.06 19.73 -2.86
CA ASP A 459 -14.69 18.33 -2.63
C ASP A 459 -14.05 18.20 -1.24
N PHE A 460 -14.62 18.89 -0.26
CA PHE A 460 -14.08 18.85 1.09
C PHE A 460 -14.38 17.51 1.75
N THR A 461 -13.34 16.88 2.29
CA THR A 461 -13.49 15.73 3.18
C THR A 461 -12.96 16.16 4.55
N GLY A 462 -13.86 16.34 5.49
CA GLY A 462 -13.51 16.87 6.79
C GLY A 462 -14.75 17.30 7.55
N CYS A 463 -14.52 17.86 8.73
CA CYS A 463 -15.65 18.09 9.62
C CYS A 463 -15.46 19.42 10.35
N VAL A 464 -16.57 19.96 10.88
CA VAL A 464 -16.58 21.29 11.47
C VAL A 464 -17.25 21.20 12.85
N ILE A 465 -16.64 21.86 13.83
CA ILE A 465 -17.16 21.99 15.18
C ILE A 465 -17.31 23.48 15.47
N ALA A 466 -18.40 23.83 16.16
CA ALA A 466 -18.60 25.21 16.58
C ALA A 466 -19.50 25.23 17.81
N TRP A 467 -19.19 26.11 18.75
CA TRP A 467 -19.92 26.11 20.01
C TRP A 467 -19.86 27.49 20.66
N ASN A 468 -20.89 27.78 21.45
CA ASN A 468 -21.18 29.14 21.92
C ASN A 468 -20.14 29.58 22.95
N SER A 469 -19.71 30.84 22.84
CA SER A 469 -18.65 31.41 23.65
C SER A 469 -19.04 32.80 24.16
N ASN A 470 -20.27 32.93 24.66
CA ASN A 470 -20.76 34.25 25.08
C ASN A 470 -19.99 34.80 26.28
N ASN A 471 -19.72 33.97 27.29
CA ASN A 471 -19.09 34.49 28.50
C ASN A 471 -17.60 34.66 28.32
N LEU A 472 -16.93 33.67 27.70
CA LEU A 472 -15.48 33.67 27.67
C LEU A 472 -14.92 34.66 26.66
N ASP A 473 -15.61 34.88 25.54
CA ASP A 473 -15.07 35.67 24.44
C ASP A 473 -15.87 36.94 24.19
N SER A 474 -16.64 37.40 25.17
CA SER A 474 -17.37 38.66 25.07
C SER A 474 -17.31 39.36 26.43
N LYS A 475 -17.38 40.69 26.38
CA LYS A 475 -17.30 41.50 27.58
C LYS A 475 -17.94 42.86 27.30
N VAL A 476 -18.27 43.56 28.38
CA VAL A 476 -18.84 44.90 28.23
C VAL A 476 -17.79 45.86 27.71
N GLY A 477 -18.25 46.91 27.03
CA GLY A 477 -17.37 47.91 26.46
C GLY A 477 -16.89 47.62 25.06
N GLY A 478 -17.24 46.46 24.50
CA GLY A 478 -16.83 46.11 23.15
C GLY A 478 -15.52 45.34 23.12
N ASN A 479 -15.36 44.57 22.05
CA ASN A 479 -14.17 43.74 21.84
C ASN A 479 -13.56 44.09 20.50
N TYR A 480 -12.37 44.70 20.53
CA TYR A 480 -11.62 45.03 19.31
C TYR A 480 -10.47 44.07 19.07
N ASN A 481 -10.46 42.91 19.73
CA ASN A 481 -9.46 41.89 19.49
C ASN A 481 -9.89 40.84 18.47
N TYR A 482 -11.15 40.87 18.02
CA TYR A 482 -11.62 40.03 16.94
C TYR A 482 -12.26 40.92 15.87
N LEU A 483 -11.75 40.84 14.64
CA LEU A 483 -12.26 41.62 13.53
C LEU A 483 -12.54 40.71 12.35
N TYR A 484 -13.16 41.28 11.32
CA TYR A 484 -13.49 40.55 10.09
C TYR A 484 -13.30 41.47 8.89
N ARG A 485 -12.96 40.85 7.76
CA ARG A 485 -12.76 41.57 6.51
C ARG A 485 -14.09 41.64 5.75
N LEU A 486 -14.57 42.85 5.50
CA LEU A 486 -15.88 43.04 4.89
C LEU A 486 -15.81 43.48 3.43
N PHE A 487 -14.76 44.19 3.02
CA PHE A 487 -14.70 44.78 1.69
C PHE A 487 -13.41 44.38 0.99
N ARG A 488 -13.54 43.74 -0.17
CA ARG A 488 -12.40 43.48 -1.05
C ARG A 488 -12.96 43.17 -2.44
N LYS A 489 -12.10 43.27 -3.45
CA LYS A 489 -12.52 43.35 -4.84
C LYS A 489 -12.69 42.00 -5.51
N SER A 490 -12.43 40.89 -4.80
CA SER A 490 -12.54 39.57 -5.39
C SER A 490 -12.80 38.55 -4.30
N ASN A 491 -13.16 37.33 -4.73
CA ASN A 491 -13.33 36.23 -3.79
C ASN A 491 -11.99 35.58 -3.45
N LEU A 492 -12.02 34.64 -2.52
CA LEU A 492 -10.83 33.92 -2.07
C LEU A 492 -10.81 32.52 -2.67
N LYS A 493 -9.61 32.06 -3.03
CA LYS A 493 -9.42 30.66 -3.34
C LYS A 493 -9.46 29.84 -2.06
N PRO A 494 -9.83 28.56 -2.15
CA PRO A 494 -9.94 27.74 -0.93
C PRO A 494 -8.62 27.65 -0.17
N PHE A 495 -8.72 27.72 1.16
CA PHE A 495 -7.56 27.61 2.05
C PHE A 495 -6.49 28.64 1.69
N GLU A 496 -6.87 29.91 1.78
CA GLU A 496 -5.97 31.02 1.46
C GLU A 496 -6.15 32.09 2.53
N ARG A 497 -5.14 32.26 3.38
CA ARG A 497 -5.15 33.32 4.38
C ARG A 497 -4.70 34.64 3.79
N ASP A 498 -5.27 35.73 4.29
CA ASP A 498 -4.95 37.06 3.79
C ASP A 498 -4.99 38.05 4.94
N ILE A 499 -3.93 38.82 5.09
CA ILE A 499 -3.84 39.85 6.13
C ILE A 499 -3.45 41.18 5.48
N SER A 500 -3.71 41.31 4.18
CA SER A 500 -3.30 42.51 3.45
C SER A 500 -4.02 43.73 4.00
N THR A 501 -3.30 44.86 4.03
CA THR A 501 -3.84 46.14 4.46
C THR A 501 -4.16 47.03 3.26
N GLU A 502 -4.46 46.42 2.13
CA GLU A 502 -4.86 47.18 0.95
C GLU A 502 -6.16 47.92 1.21
N ILE A 503 -6.12 49.24 1.04
CA ILE A 503 -7.29 50.05 1.35
C ILE A 503 -8.30 49.92 0.21
N TYR A 504 -9.53 49.57 0.55
CA TYR A 504 -10.56 49.32 -0.44
C TYR A 504 -11.07 50.62 -1.02
N GLN A 505 -11.18 50.68 -2.35
CA GLN A 505 -11.70 51.86 -3.05
C GLN A 505 -13.20 51.68 -3.22
N ALA A 506 -13.98 52.50 -2.51
CA ALA A 506 -15.44 52.44 -2.57
C ALA A 506 -16.06 53.55 -3.41
N GLY A 507 -15.27 54.52 -3.85
CA GLY A 507 -15.79 55.62 -4.65
C GLY A 507 -15.35 55.55 -6.10
N SER A 508 -14.84 56.67 -6.62
CA SER A 508 -14.35 56.71 -8.00
C SER A 508 -12.99 57.39 -8.10
N THR A 509 -12.30 57.63 -6.98
CA THR A 509 -10.98 58.23 -6.96
C THR A 509 -10.05 57.34 -6.15
N PRO A 510 -8.88 56.97 -6.68
CA PRO A 510 -7.96 56.13 -5.93
C PRO A 510 -7.53 56.77 -4.62
N CYS A 511 -7.41 55.95 -3.57
CA CYS A 511 -6.93 56.43 -2.28
C CYS A 511 -5.42 56.63 -2.27
N ASN A 512 -4.69 55.88 -3.10
CA ASN A 512 -3.23 55.84 -3.08
C ASN A 512 -2.69 55.35 -1.74
N GLY A 513 -3.51 54.66 -0.96
CA GLY A 513 -3.10 54.13 0.32
C GLY A 513 -3.34 55.01 1.52
N VAL A 514 -4.05 56.12 1.37
CA VAL A 514 -4.28 57.07 2.45
C VAL A 514 -5.78 57.18 2.72
N GLU A 515 -6.14 57.18 4.00
CA GLU A 515 -7.54 57.29 4.40
C GLU A 515 -8.14 58.61 3.93
N GLY A 516 -9.33 58.54 3.35
CA GLY A 516 -10.02 59.73 2.86
C GLY A 516 -11.52 59.54 2.89
N PHE A 517 -12.19 59.97 1.82
CA PHE A 517 -13.64 59.88 1.70
C PHE A 517 -14.01 58.75 0.76
N ASN A 518 -15.04 57.98 1.13
CA ASN A 518 -15.45 56.79 0.39
C ASN A 518 -14.29 55.80 0.27
N CYS A 519 -13.42 55.81 1.27
CA CYS A 519 -12.16 55.08 1.25
C CYS A 519 -12.13 54.26 2.54
N TYR A 520 -12.41 52.97 2.43
CA TYR A 520 -12.74 52.14 3.58
C TYR A 520 -11.58 51.21 3.95
N PHE A 521 -11.31 51.13 5.25
CA PHE A 521 -10.37 50.13 5.75
C PHE A 521 -11.01 48.75 5.69
N PRO A 522 -10.32 47.74 5.17
CA PRO A 522 -10.98 46.44 4.92
C PRO A 522 -11.49 45.73 6.17
N LEU A 523 -10.93 46.01 7.34
CA LEU A 523 -11.28 45.28 8.55
C LEU A 523 -12.21 46.08 9.43
N GLN A 524 -13.20 45.40 10.02
CA GLN A 524 -14.18 45.99 10.90
C GLN A 524 -14.36 45.09 12.12
N SER A 525 -14.68 45.70 13.26
CA SER A 525 -14.78 44.98 14.52
C SER A 525 -16.23 44.62 14.82
N TYR A 526 -16.43 43.39 15.33
CA TYR A 526 -17.78 42.95 15.67
C TYR A 526 -18.35 43.74 16.83
N GLY A 527 -17.52 44.11 17.81
CA GLY A 527 -18.00 44.81 18.98
C GLY A 527 -18.94 44.00 19.82
N PHE A 528 -18.57 42.76 20.11
CA PHE A 528 -19.42 41.85 20.88
C PHE A 528 -19.74 42.42 22.25
N GLN A 529 -21.00 42.29 22.65
CA GLN A 529 -21.48 42.66 23.97
C GLN A 529 -22.23 41.47 24.58
N PRO A 530 -22.11 41.27 25.90
CA PRO A 530 -22.79 40.12 26.52
C PRO A 530 -24.30 40.27 26.64
N THR A 531 -24.85 41.46 26.36
CA THR A 531 -26.27 41.71 26.51
C THR A 531 -27.02 41.69 25.18
N ASN A 532 -26.35 41.37 24.07
CA ASN A 532 -27.01 41.35 22.77
C ASN A 532 -27.76 40.03 22.59
N GLY A 533 -28.35 39.87 21.41
CA GLY A 533 -29.10 38.67 21.09
C GLY A 533 -28.18 37.49 20.83
N VAL A 534 -28.81 36.30 20.74
CA VAL A 534 -28.06 35.08 20.51
C VAL A 534 -27.38 35.09 19.15
N GLY A 535 -27.99 35.75 18.17
CA GLY A 535 -27.35 35.84 16.86
C GLY A 535 -26.07 36.63 16.86
N TYR A 536 -25.94 37.59 17.80
CA TYR A 536 -24.73 38.39 17.91
C TYR A 536 -23.71 37.81 18.87
N GLN A 537 -24.03 36.73 19.57
CA GLN A 537 -23.10 36.16 20.53
C GLN A 537 -21.92 35.50 19.80
N PRO A 538 -20.71 35.64 20.33
CA PRO A 538 -19.56 34.95 19.72
C PRO A 538 -19.64 33.44 19.86
N TYR A 539 -19.02 32.75 18.90
CA TYR A 539 -18.99 31.30 18.83
C TYR A 539 -17.59 30.90 18.37
N ARG A 540 -16.99 29.92 19.06
CA ARG A 540 -15.72 29.35 18.64
C ARG A 540 -15.99 28.35 17.52
N VAL A 541 -15.32 28.53 16.39
CA VAL A 541 -15.48 27.68 15.22
C VAL A 541 -14.11 27.11 14.85
N VAL A 542 -14.03 25.79 14.78
CA VAL A 542 -12.84 25.08 14.33
C VAL A 542 -13.24 24.11 13.24
N VAL A 543 -12.35 23.92 12.26
CA VAL A 543 -12.56 22.94 11.20
C VAL A 543 -11.36 22.01 11.17
N LEU A 544 -11.66 20.71 11.12
CA LEU A 544 -10.65 19.66 11.00
C LEU A 544 -10.68 19.13 9.57
N SER A 545 -9.56 19.30 8.87
CA SER A 545 -9.39 18.80 7.51
C SER A 545 -8.51 17.57 7.57
N PHE A 546 -9.03 16.44 7.08
CA PHE A 546 -8.31 15.18 7.07
C PHE A 546 -7.63 15.05 5.71
N GLU A 547 -6.40 15.52 5.61
CA GLU A 547 -5.68 15.47 4.35
C GLU A 547 -5.19 14.05 4.13
N LEU A 548 -5.66 13.43 3.04
CA LEU A 548 -5.26 12.09 2.63
C LEU A 548 -4.33 12.20 1.42
N LEU A 549 -3.16 11.59 1.52
CA LEU A 549 -2.22 11.50 0.41
C LEU A 549 -1.90 10.02 0.17
N HIS A 550 -0.97 9.78 -0.75
CA HIS A 550 -0.46 8.44 -0.99
C HIS A 550 0.90 8.38 -0.30
N ALA A 551 0.87 8.10 0.99
CA ALA A 551 2.04 8.24 1.85
C ALA A 551 1.85 7.34 3.06
N PRO A 552 2.91 7.07 3.82
CA PRO A 552 2.76 6.24 5.02
C PRO A 552 1.78 6.85 6.02
N ALA A 553 1.06 5.98 6.70
CA ALA A 553 0.06 6.41 7.67
C ALA A 553 0.71 7.16 8.83
N THR A 554 0.07 8.25 9.26
CA THR A 554 0.63 9.12 10.28
C THR A 554 -0.20 9.19 11.54
N VAL A 555 -1.45 9.63 11.48
CA VAL A 555 -2.32 9.73 12.65
C VAL A 555 -3.59 8.97 12.35
N CYS A 556 -3.86 7.92 13.13
CA CYS A 556 -4.96 7.01 12.85
C CYS A 556 -5.34 6.35 14.17
N GLY A 557 -6.40 5.55 14.13
CA GLY A 557 -6.91 4.88 15.30
C GLY A 557 -8.18 5.54 15.80
N PRO A 558 -8.49 5.37 17.08
CA PRO A 558 -7.79 4.55 18.08
C PRO A 558 -8.24 3.09 18.05
N LYS A 559 -7.35 2.17 17.68
CA LYS A 559 -7.70 0.76 17.67
C LYS A 559 -6.42 -0.06 17.83
N LYS A 560 -6.48 -1.07 18.69
CA LYS A 560 -5.30 -1.86 19.01
C LYS A 560 -4.94 -2.79 17.86
N SER A 561 -3.63 -2.92 17.60
CA SER A 561 -3.15 -3.81 16.56
C SER A 561 -3.32 -5.27 16.99
N THR A 562 -3.19 -6.16 16.01
CA THR A 562 -3.37 -7.59 16.23
C THR A 562 -2.21 -8.34 15.57
N ASN A 563 -1.81 -9.44 16.20
CA ASN A 563 -0.72 -10.26 15.68
C ASN A 563 -1.03 -10.72 14.26
N LEU A 564 0.01 -10.81 13.44
CA LEU A 564 -0.12 -11.13 12.03
C LEU A 564 0.16 -12.61 11.78
N VAL A 565 -0.68 -13.21 10.94
CA VAL A 565 -0.48 -14.58 10.48
C VAL A 565 -0.60 -14.59 8.96
N LYS A 566 -0.03 -15.62 8.35
CA LYS A 566 0.00 -15.75 6.90
C LYS A 566 -0.29 -17.18 6.52
N ASN A 567 -0.35 -17.43 5.20
CA ASN A 567 -0.69 -18.74 4.65
C ASN A 567 -2.06 -19.21 5.11
N LYS A 568 -2.95 -18.27 5.42
CA LYS A 568 -4.30 -18.57 5.86
C LYS A 568 -5.27 -17.59 5.20
N CYS A 569 -6.45 -18.09 4.86
CA CYS A 569 -7.49 -17.28 4.25
C CYS A 569 -8.14 -16.45 5.35
N VAL A 570 -7.81 -15.17 5.40
CA VAL A 570 -8.23 -14.28 6.48
C VAL A 570 -8.82 -13.01 5.90
N ASN A 571 -9.54 -12.29 6.76
CA ASN A 571 -9.94 -10.91 6.52
C ASN A 571 -8.85 -9.98 7.04
N PHE A 572 -8.68 -8.85 6.36
CA PHE A 572 -7.67 -7.89 6.77
C PHE A 572 -8.11 -6.49 6.40
N ASN A 573 -7.60 -5.52 7.15
CA ASN A 573 -7.82 -4.09 6.87
C ASN A 573 -6.51 -3.35 7.20
N PHE A 574 -5.68 -3.18 6.17
CA PHE A 574 -4.40 -2.51 6.32
C PHE A 574 -4.57 -1.02 6.05
N ASN A 575 -4.34 -0.20 7.08
CA ASN A 575 -4.38 1.25 6.99
C ASN A 575 -5.72 1.78 6.49
N GLY A 576 -6.79 1.00 6.61
CA GLY A 576 -8.10 1.40 6.13
C GLY A 576 -8.53 0.72 4.85
N LEU A 577 -7.67 -0.10 4.25
CA LEU A 577 -7.98 -0.81 3.02
C LEU A 577 -8.35 -2.25 3.39
N THR A 578 -9.58 -2.64 3.07
CA THR A 578 -10.17 -3.89 3.55
C THR A 578 -10.20 -4.91 2.42
N GLY A 579 -9.91 -6.16 2.76
CA GLY A 579 -9.89 -7.23 1.79
C GLY A 579 -10.00 -8.58 2.46
N THR A 580 -10.33 -9.58 1.66
CA THR A 580 -10.38 -10.98 2.08
C THR A 580 -9.49 -11.81 1.16
N GLY A 581 -8.62 -12.62 1.74
CA GLY A 581 -7.77 -13.47 0.92
C GLY A 581 -6.66 -14.09 1.73
N VAL A 582 -5.64 -14.56 1.05
CA VAL A 582 -4.48 -15.17 1.70
C VAL A 582 -3.27 -14.28 1.45
N LEU A 583 -2.50 -14.05 2.52
CA LEU A 583 -1.36 -13.15 2.49
C LEU A 583 -0.10 -13.99 2.35
N THR A 584 0.70 -13.71 1.33
CA THR A 584 1.90 -14.47 1.05
C THR A 584 3.10 -13.53 0.96
N GLU A 585 4.29 -14.10 1.17
CA GLU A 585 5.54 -13.34 1.07
C GLU A 585 6.01 -13.45 -0.37
N SER A 586 5.64 -12.45 -1.18
CA SER A 586 6.06 -12.36 -2.56
C SER A 586 6.59 -10.96 -2.83
N ASN A 587 7.51 -10.85 -3.78
CA ASN A 587 8.23 -9.61 -4.02
C ASN A 587 7.93 -9.06 -5.41
N LYS A 588 7.53 -7.79 -5.45
CA LYS A 588 7.55 -7.01 -6.68
C LYS A 588 8.55 -5.87 -6.63
N LYS A 589 9.08 -5.53 -5.45
CA LYS A 589 10.20 -4.60 -5.30
C LYS A 589 9.85 -3.21 -5.84
N PHE A 590 8.79 -2.63 -5.29
CA PHE A 590 8.36 -1.32 -5.78
C PHE A 590 9.10 -0.21 -5.04
N LEU A 591 8.62 1.01 -5.20
CA LEU A 591 9.30 2.24 -4.81
C LEU A 591 9.24 2.50 -3.32
N PRO A 592 10.14 3.33 -2.80
CA PRO A 592 9.96 3.85 -1.44
C PRO A 592 8.76 4.80 -1.39
N PHE A 593 8.15 4.86 -0.21
CA PHE A 593 6.93 5.65 0.01
C PHE A 593 5.84 5.28 -0.99
N GLN A 594 5.59 3.97 -1.09
CA GLN A 594 4.43 3.45 -1.81
C GLN A 594 3.69 2.51 -0.87
N GLN A 595 2.38 2.40 -1.07
CA GLN A 595 1.55 1.65 -0.15
C GLN A 595 0.78 0.49 -0.77
N PHE A 596 0.36 0.60 -2.03
CA PHE A 596 -0.41 -0.48 -2.63
C PHE A 596 -0.22 -0.47 -4.14
N GLY A 597 -0.25 -1.65 -4.74
CA GLY A 597 -0.20 -1.81 -6.17
C GLY A 597 -1.50 -2.39 -6.68
N ARG A 598 -1.85 -2.02 -7.91
CA ARG A 598 -3.12 -2.42 -8.49
C ARG A 598 -2.90 -3.07 -9.86
N ASP A 599 -3.79 -3.99 -10.21
CA ASP A 599 -3.74 -4.70 -11.47
C ASP A 599 -4.54 -3.94 -12.53
N ILE A 600 -4.81 -4.58 -13.66
CA ILE A 600 -5.65 -3.98 -14.68
C ILE A 600 -7.08 -3.84 -14.18
N ALA A 601 -7.55 -4.80 -13.39
CA ALA A 601 -8.91 -4.79 -12.88
C ALA A 601 -9.10 -3.85 -11.70
N ASP A 602 -8.08 -3.08 -11.32
CA ASP A 602 -8.16 -2.10 -10.25
C ASP A 602 -8.51 -2.75 -8.91
N THR A 603 -7.79 -3.81 -8.58
CA THR A 603 -7.89 -4.45 -7.27
C THR A 603 -6.50 -4.56 -6.67
N THR A 604 -6.41 -4.42 -5.35
CA THR A 604 -5.12 -4.37 -4.68
C THR A 604 -4.43 -5.73 -4.72
N ASP A 605 -3.15 -5.73 -5.09
CA ASP A 605 -2.34 -6.93 -5.12
C ASP A 605 -1.19 -6.92 -4.12
N ALA A 606 -0.61 -5.77 -3.84
CA ALA A 606 0.51 -5.65 -2.93
C ALA A 606 0.17 -4.70 -1.79
N VAL A 607 0.63 -5.03 -0.59
CA VAL A 607 0.39 -4.21 0.59
C VAL A 607 1.68 -4.14 1.40
N ARG A 608 1.86 -3.03 2.11
CA ARG A 608 3.00 -2.83 2.99
C ARG A 608 2.48 -2.51 4.39
N ASP A 609 2.56 -3.50 5.29
CA ASP A 609 2.12 -3.28 6.65
C ASP A 609 3.05 -2.31 7.38
N PRO A 610 2.51 -1.52 8.30
CA PRO A 610 3.33 -0.51 8.99
C PRO A 610 4.38 -1.09 9.91
N GLN A 611 3.98 -2.00 10.81
CA GLN A 611 4.87 -2.47 11.85
C GLN A 611 6.01 -3.34 11.33
N THR A 612 5.96 -3.75 10.07
CA THR A 612 7.01 -4.58 9.49
C THR A 612 7.62 -3.99 8.22
N LEU A 613 6.90 -3.14 7.49
CA LEU A 613 7.36 -2.58 6.22
C LEU A 613 7.71 -3.69 5.23
N GLU A 614 6.89 -4.74 5.23
CA GLU A 614 7.13 -5.91 4.40
C GLU A 614 6.18 -5.90 3.19
N ILE A 615 6.64 -6.47 2.09
CA ILE A 615 5.89 -6.48 0.83
C ILE A 615 5.05 -7.75 0.79
N LEU A 616 3.81 -7.65 1.27
CA LEU A 616 2.91 -8.79 1.25
C LEU A 616 2.09 -8.80 -0.04
N ASP A 617 1.79 -9.99 -0.52
CA ASP A 617 1.02 -10.19 -1.75
C ASP A 617 -0.31 -10.85 -1.40
N ILE A 618 -1.36 -10.41 -2.10
CA ILE A 618 -2.72 -10.87 -1.84
C ILE A 618 -3.09 -11.91 -2.89
N THR A 619 -3.60 -13.06 -2.46
CA THR A 619 -4.07 -14.07 -3.39
C THR A 619 -5.51 -14.44 -3.03
N PRO A 620 -6.45 -14.41 -3.97
CA PRO A 620 -7.82 -14.82 -3.66
C PRO A 620 -7.90 -16.31 -3.41
N CYS A 621 -8.58 -16.70 -2.33
CA CYS A 621 -8.69 -18.10 -1.91
C CYS A 621 -9.72 -18.89 -2.68
N SER A 622 -10.37 -18.29 -3.68
CA SER A 622 -11.34 -19.01 -4.48
C SER A 622 -10.65 -19.62 -5.69
N PHE A 623 -11.41 -20.35 -6.49
CA PHE A 623 -10.91 -20.88 -7.75
C PHE A 623 -11.27 -19.96 -8.92
N GLY A 624 -11.68 -18.74 -8.62
CA GLY A 624 -12.15 -17.80 -9.62
C GLY A 624 -13.67 -17.79 -9.71
N GLY A 625 -14.16 -16.93 -10.59
CA GLY A 625 -15.59 -16.86 -10.82
C GLY A 625 -16.12 -18.10 -11.50
N VAL A 626 -16.85 -18.93 -10.77
CA VAL A 626 -17.42 -20.17 -11.29
C VAL A 626 -18.92 -20.00 -11.40
N SER A 627 -19.49 -20.46 -12.50
CA SER A 627 -20.89 -20.26 -12.82
C SER A 627 -21.70 -21.51 -12.48
N VAL A 628 -22.90 -21.29 -11.95
CA VAL A 628 -23.85 -22.34 -11.63
C VAL A 628 -24.99 -22.26 -12.65
N ILE A 629 -25.47 -23.42 -13.07
CA ILE A 629 -26.56 -23.55 -14.03
C ILE A 629 -27.63 -24.40 -13.38
N THR A 630 -28.83 -23.85 -13.22
CA THR A 630 -29.85 -24.59 -12.49
C THR A 630 -31.18 -24.55 -13.22
N PRO A 631 -31.97 -25.63 -13.15
CA PRO A 631 -33.34 -25.61 -13.65
C PRO A 631 -34.39 -25.27 -12.60
N GLY A 632 -34.01 -24.85 -11.42
CA GLY A 632 -34.94 -24.50 -10.35
C GLY A 632 -34.97 -25.58 -9.28
N THR A 633 -35.00 -25.16 -8.02
CA THR A 633 -34.98 -26.11 -6.92
C THR A 633 -36.29 -26.89 -6.83
N ASN A 634 -37.42 -26.21 -6.98
CA ASN A 634 -38.72 -26.87 -6.87
C ASN A 634 -39.00 -27.82 -8.02
N THR A 635 -38.20 -27.77 -9.08
CA THR A 635 -38.31 -28.71 -10.19
C THR A 635 -37.33 -29.87 -10.08
N SER A 636 -36.08 -29.60 -9.73
CA SER A 636 -35.07 -30.65 -9.62
C SER A 636 -33.96 -30.17 -8.69
N ASN A 637 -33.14 -31.12 -8.24
CA ASN A 637 -31.98 -30.80 -7.42
C ASN A 637 -30.66 -30.90 -8.17
N GLN A 638 -30.64 -31.52 -9.35
CA GLN A 638 -29.42 -31.59 -10.14
C GLN A 638 -29.05 -30.21 -10.66
N VAL A 639 -27.74 -29.93 -10.69
CA VAL A 639 -27.22 -28.66 -11.16
C VAL A 639 -26.02 -28.92 -12.06
N ALA A 640 -25.64 -27.89 -12.81
CA ALA A 640 -24.46 -27.94 -13.67
C ALA A 640 -23.48 -26.87 -13.23
N VAL A 641 -22.20 -27.16 -13.34
CA VAL A 641 -21.15 -26.23 -12.92
C VAL A 641 -20.27 -25.93 -14.12
N LEU A 642 -20.15 -24.65 -14.46
CA LEU A 642 -19.32 -24.19 -15.58
C LEU A 642 -18.15 -23.40 -15.02
N TYR A 643 -16.94 -23.87 -15.27
CA TYR A 643 -15.74 -23.20 -14.82
C TYR A 643 -15.25 -22.32 -15.96
N GLN A 644 -15.69 -21.07 -15.97
CA GLN A 644 -15.34 -20.15 -17.05
C GLN A 644 -13.86 -19.80 -16.99
N ASP A 645 -13.22 -19.79 -18.17
CA ASP A 645 -11.80 -19.52 -18.30
C ASP A 645 -10.96 -20.47 -17.47
N VAL A 646 -11.44 -21.70 -17.34
CA VAL A 646 -10.76 -22.74 -16.56
C VAL A 646 -10.74 -24.02 -17.38
N ASN A 647 -9.55 -24.60 -17.55
CA ASN A 647 -9.43 -25.89 -18.21
C ASN A 647 -9.88 -27.01 -17.27
N CYS A 648 -10.29 -28.13 -17.86
CA CYS A 648 -10.72 -29.28 -17.07
C CYS A 648 -9.57 -29.94 -16.33
N THR A 649 -8.33 -29.60 -16.64
CA THR A 649 -7.16 -30.15 -15.95
C THR A 649 -6.78 -29.36 -14.71
N GLU A 650 -7.40 -28.20 -14.49
CA GLU A 650 -7.12 -27.37 -13.32
C GLU A 650 -8.24 -27.44 -12.29
N VAL A 651 -9.41 -27.95 -12.69
CA VAL A 651 -10.56 -28.01 -11.77
C VAL A 651 -10.22 -28.68 -10.44
N PRO A 652 -9.51 -29.81 -10.39
CA PRO A 652 -9.17 -30.39 -9.08
C PRO A 652 -8.20 -29.56 -8.26
N VAL A 653 -7.70 -28.45 -8.78
CA VAL A 653 -6.81 -27.58 -8.01
C VAL A 653 -7.61 -26.45 -7.36
N VAL A 666 -20.91 -32.31 -2.75
CA VAL A 666 -19.76 -31.56 -3.26
C VAL A 666 -19.00 -32.37 -4.30
N TYR A 667 -18.88 -31.82 -5.51
CA TYR A 667 -18.15 -32.49 -6.59
C TYR A 667 -16.66 -32.25 -6.39
N SER A 668 -15.94 -33.30 -6.03
CA SER A 668 -14.50 -33.17 -5.77
C SER A 668 -13.74 -32.87 -7.06
N THR A 669 -14.02 -33.60 -8.14
CA THR A 669 -13.29 -33.41 -9.39
C THR A 669 -14.06 -33.99 -10.57
N GLY A 670 -13.40 -34.02 -11.73
CA GLY A 670 -14.06 -34.47 -12.95
C GLY A 670 -14.32 -35.97 -12.95
N SER A 671 -15.56 -36.36 -13.25
CA SER A 671 -15.93 -37.77 -13.45
C SER A 671 -16.50 -38.02 -14.84
N ASN A 672 -17.29 -37.09 -15.37
CA ASN A 672 -17.75 -37.15 -16.75
C ASN A 672 -17.91 -35.71 -17.23
N VAL A 673 -16.87 -35.19 -17.87
CA VAL A 673 -16.72 -33.77 -18.15
C VAL A 673 -16.81 -33.53 -19.66
N PHE A 674 -17.65 -32.57 -20.04
CA PHE A 674 -17.70 -32.07 -21.41
C PHE A 674 -17.02 -30.70 -21.47
N GLN A 675 -16.07 -30.56 -22.38
CA GLN A 675 -15.29 -29.34 -22.53
C GLN A 675 -15.74 -28.59 -23.76
N THR A 676 -16.11 -27.33 -23.60
CA THR A 676 -16.40 -26.42 -24.69
C THR A 676 -15.43 -25.24 -24.61
N ARG A 677 -15.44 -24.41 -25.65
CA ARG A 677 -14.65 -23.20 -25.59
C ARG A 677 -15.16 -22.22 -24.54
N ALA A 678 -16.34 -22.47 -23.98
CA ALA A 678 -16.85 -21.71 -22.85
C ALA A 678 -16.43 -22.27 -21.50
N GLY A 679 -15.90 -23.49 -21.43
CA GLY A 679 -15.41 -24.03 -20.19
C GLY A 679 -15.80 -25.49 -20.03
N CYS A 680 -15.62 -26.01 -18.82
CA CYS A 680 -15.87 -27.41 -18.52
C CYS A 680 -17.17 -27.58 -17.76
N LEU A 681 -17.91 -28.64 -18.09
CA LEU A 681 -19.14 -28.99 -17.40
C LEU A 681 -19.06 -30.44 -16.93
N ILE A 682 -19.71 -30.73 -15.81
CA ILE A 682 -19.65 -32.06 -15.22
C ILE A 682 -21.03 -32.70 -15.17
N GLY A 683 -22.06 -31.88 -15.11
CA GLY A 683 -23.41 -32.40 -14.97
C GLY A 683 -24.11 -32.65 -16.29
N ALA A 684 -23.95 -31.74 -17.25
CA ALA A 684 -24.59 -31.89 -18.54
C ALA A 684 -23.97 -33.03 -19.33
N GLU A 685 -24.83 -33.77 -20.05
CA GLU A 685 -24.40 -34.84 -20.95
C GLU A 685 -24.69 -34.44 -22.38
N HIS A 686 -23.71 -34.63 -23.26
CA HIS A 686 -23.92 -34.32 -24.67
C HIS A 686 -24.89 -35.31 -25.30
N VAL A 687 -25.68 -34.80 -26.24
CA VAL A 687 -26.47 -35.61 -27.15
C VAL A 687 -26.25 -35.07 -28.56
N ASN A 688 -26.47 -35.93 -29.55
CA ASN A 688 -26.37 -35.49 -30.94
C ASN A 688 -27.63 -34.78 -31.40
N ASN A 689 -28.68 -34.75 -30.58
CA ASN A 689 -29.91 -34.06 -30.92
C ASN A 689 -29.73 -32.56 -30.79
N SER A 690 -30.45 -31.82 -31.62
CA SER A 690 -30.44 -30.36 -31.60
C SER A 690 -31.85 -29.88 -31.28
N TYR A 691 -31.95 -28.96 -30.32
CA TYR A 691 -33.23 -28.44 -29.88
C TYR A 691 -33.09 -26.95 -29.62
N GLU A 692 -34.22 -26.25 -29.55
CA GLU A 692 -34.23 -24.82 -29.32
C GLU A 692 -33.57 -24.49 -27.99
N CYS A 693 -32.82 -23.39 -27.96
CA CYS A 693 -32.13 -22.96 -26.75
C CYS A 693 -33.13 -22.67 -25.64
N ASP A 694 -32.87 -23.22 -24.44
CA ASP A 694 -33.70 -22.98 -23.27
C ASP A 694 -32.93 -22.20 -22.21
N ILE A 695 -31.77 -22.70 -21.78
CA ILE A 695 -30.86 -21.93 -20.93
C ILE A 695 -29.55 -21.78 -21.69
N PRO A 696 -29.23 -20.59 -22.19
CA PRO A 696 -28.00 -20.42 -23.00
C PRO A 696 -26.76 -20.39 -22.12
N ILE A 697 -26.00 -21.49 -22.16
CA ILE A 697 -24.73 -21.53 -21.46
C ILE A 697 -23.73 -20.59 -22.13
N GLY A 698 -23.75 -20.54 -23.44
CA GLY A 698 -22.86 -19.69 -24.21
C GLY A 698 -21.97 -20.48 -25.14
N ALA A 699 -21.36 -19.73 -26.07
CA ALA A 699 -20.49 -20.30 -27.10
C ALA A 699 -21.22 -21.35 -27.93
N GLY A 700 -22.50 -21.13 -28.20
CA GLY A 700 -23.31 -22.08 -28.92
C GLY A 700 -23.84 -23.22 -28.07
N ILE A 701 -23.61 -23.20 -26.76
CA ILE A 701 -24.03 -24.27 -25.87
C ILE A 701 -25.30 -23.83 -25.15
N CYS A 702 -26.33 -24.69 -25.20
CA CYS A 702 -27.57 -24.46 -24.47
C CYS A 702 -27.96 -25.71 -23.70
N ALA A 703 -28.64 -25.53 -22.57
CA ALA A 703 -28.93 -26.64 -21.68
C ALA A 703 -30.40 -26.62 -21.27
N SER A 704 -30.90 -27.79 -20.91
CA SER A 704 -32.24 -27.96 -20.39
C SER A 704 -32.34 -29.30 -19.67
N TYR A 705 -33.37 -29.42 -18.83
CA TYR A 705 -33.68 -30.67 -18.13
C TYR A 705 -34.61 -31.48 -19.02
N GLN A 706 -34.08 -32.50 -19.68
CA GLN A 706 -34.86 -33.29 -20.62
C GLN A 706 -34.43 -34.75 -20.47
N THR A 707 -34.96 -35.61 -21.34
CA THR A 707 -34.63 -37.03 -21.31
C THR A 707 -33.15 -37.27 -21.60
N SER A 720 -35.29 -41.42 -18.81
CA SER A 720 -34.49 -40.74 -17.80
C SER A 720 -34.79 -39.23 -17.80
N GLN A 721 -34.27 -38.53 -16.79
CA GLN A 721 -34.47 -37.09 -16.67
C GLN A 721 -33.18 -36.47 -16.13
N SER A 722 -32.51 -35.68 -16.97
CA SER A 722 -31.23 -35.09 -16.59
C SER A 722 -31.02 -33.79 -17.35
N ILE A 723 -30.08 -33.00 -16.86
CA ILE A 723 -29.65 -31.78 -17.56
C ILE A 723 -28.72 -32.19 -18.70
N ILE A 724 -29.02 -31.69 -19.89
CA ILE A 724 -28.25 -32.03 -21.10
C ILE A 724 -27.84 -30.75 -21.80
N ALA A 725 -26.77 -30.84 -22.57
CA ALA A 725 -26.22 -29.71 -23.31
C ALA A 725 -26.25 -30.01 -24.80
N TYR A 726 -26.50 -28.99 -25.61
CA TYR A 726 -26.69 -29.18 -27.03
C TYR A 726 -26.25 -27.93 -27.79
N THR A 727 -26.14 -28.09 -29.11
CA THR A 727 -25.68 -27.07 -30.03
C THR A 727 -26.65 -27.02 -31.21
N MET A 728 -27.34 -25.90 -31.38
CA MET A 728 -28.27 -25.75 -32.50
C MET A 728 -27.50 -25.76 -33.82
N VAL B 2 21.15 -6.65 -20.86
CA VAL B 2 20.20 -5.65 -20.39
C VAL B 2 20.61 -4.25 -20.86
N GLN B 3 19.66 -3.55 -21.48
CA GLN B 3 19.91 -2.19 -21.94
C GLN B 3 18.58 -1.50 -22.18
N LEU B 4 18.66 -0.18 -22.38
CA LEU B 4 17.48 0.64 -22.67
C LEU B 4 17.84 1.63 -23.76
N VAL B 5 16.81 2.09 -24.46
CA VAL B 5 16.95 3.00 -25.60
C VAL B 5 16.00 4.17 -25.42
N GLU B 6 16.46 5.36 -25.81
CA GLU B 6 15.65 6.57 -25.77
C GLU B 6 15.38 7.05 -27.20
N SER B 7 14.23 7.69 -27.38
CA SER B 7 13.89 8.22 -28.69
C SER B 7 12.90 9.37 -28.52
N GLY B 8 12.81 10.20 -29.56
CA GLY B 8 11.94 11.35 -29.58
C GLY B 8 12.65 12.68 -29.50
N GLY B 9 13.96 12.68 -29.29
CA GLY B 9 14.69 13.94 -29.24
C GLY B 9 14.76 14.62 -30.60
N GLY B 10 14.89 15.94 -30.57
CA GLY B 10 14.97 16.71 -31.79
C GLY B 10 14.95 18.21 -31.55
N VAL B 11 14.15 18.93 -32.34
CA VAL B 11 14.05 20.38 -32.26
C VAL B 11 12.60 20.75 -32.04
N VAL B 12 12.34 21.57 -31.02
CA VAL B 12 10.99 22.00 -30.68
C VAL B 12 11.00 23.49 -30.39
N GLN B 13 9.98 24.18 -30.90
CA GLN B 13 9.81 25.60 -30.60
C GLN B 13 9.38 25.77 -29.14
N PRO B 14 9.68 26.93 -28.54
CA PRO B 14 9.24 27.17 -27.15
C PRO B 14 7.73 27.37 -27.09
N GLY B 15 7.06 26.53 -26.30
CA GLY B 15 5.62 26.58 -26.15
C GLY B 15 4.87 25.43 -26.74
N ARG B 16 5.56 24.45 -27.33
CA ARG B 16 4.93 23.29 -27.96
C ARG B 16 4.98 22.09 -27.01
N SER B 17 4.59 20.92 -27.51
CA SER B 17 4.56 19.71 -26.74
C SER B 17 5.32 18.61 -27.48
N LEU B 18 5.87 17.67 -26.70
CA LEU B 18 6.65 16.59 -27.27
C LEU B 18 6.47 15.35 -26.40
N ARG B 19 6.65 14.20 -27.05
CA ARG B 19 6.51 12.87 -26.45
C ARG B 19 7.86 12.17 -26.54
N LEU B 20 8.49 11.93 -25.39
CA LEU B 20 9.71 11.16 -25.35
C LEU B 20 9.38 9.70 -25.03
N THR B 21 10.04 8.76 -25.70
CA THR B 21 9.77 7.35 -25.50
C THR B 21 11.03 6.62 -25.05
N CYS B 22 10.84 5.63 -24.17
CA CYS B 22 11.94 4.84 -23.63
C CYS B 22 11.55 3.37 -23.68
N ALA B 23 12.46 2.54 -24.21
CA ALA B 23 12.23 1.11 -24.33
C ALA B 23 13.34 0.36 -23.61
N ALA B 24 13.04 -0.88 -23.22
CA ALA B 24 13.97 -1.70 -22.47
C ALA B 24 14.04 -3.10 -23.07
N SER B 25 15.19 -3.76 -22.89
CA SER B 25 15.36 -5.13 -23.36
C SER B 25 16.37 -5.83 -22.46
N GLY B 26 16.04 -7.06 -22.09
CA GLY B 26 16.94 -7.89 -21.30
C GLY B 26 16.49 -8.16 -19.88
N PHE B 27 15.33 -7.65 -19.45
CA PHE B 27 14.84 -7.90 -18.10
C PHE B 27 13.34 -7.73 -18.08
N ILE B 28 12.71 -8.26 -17.03
CA ILE B 28 11.27 -8.18 -16.90
C ILE B 28 10.87 -6.73 -16.60
N PHE B 29 9.95 -6.21 -17.41
CA PHE B 29 9.58 -4.80 -17.36
C PHE B 29 8.43 -4.53 -16.40
N SER B 30 7.82 -5.56 -15.81
CA SER B 30 6.67 -5.41 -14.94
C SER B 30 7.02 -5.59 -13.47
N SER B 31 8.31 -5.50 -13.11
CA SER B 31 8.73 -5.73 -11.74
C SER B 31 9.57 -4.60 -11.17
N TYR B 32 9.73 -3.49 -11.90
CA TYR B 32 10.53 -2.38 -11.42
C TYR B 32 9.88 -1.06 -11.84
N GLY B 33 10.18 0.00 -11.10
CA GLY B 33 9.75 1.33 -11.44
C GLY B 33 10.69 2.00 -12.43
N MET B 34 10.44 3.27 -12.69
CA MET B 34 11.24 4.01 -13.66
C MET B 34 11.40 5.46 -13.22
N HIS B 35 12.58 6.02 -13.52
CA HIS B 35 12.93 7.39 -13.22
C HIS B 35 13.37 8.10 -14.50
N TRP B 36 12.97 9.36 -14.64
CA TRP B 36 13.49 10.26 -15.65
C TRP B 36 14.34 11.32 -14.96
N VAL B 37 15.62 11.38 -15.35
CA VAL B 37 16.58 12.30 -14.77
C VAL B 37 17.26 13.06 -15.91
N ARG B 38 17.39 14.37 -15.77
CA ARG B 38 17.96 15.19 -16.83
C ARG B 38 19.29 15.78 -16.38
N GLN B 39 20.09 16.16 -17.37
CA GLN B 39 21.36 16.85 -17.16
C GLN B 39 21.40 18.06 -18.07
N ALA B 40 21.56 19.24 -17.48
CA ALA B 40 21.71 20.47 -18.25
C ALA B 40 23.13 20.57 -18.80
N PRO B 41 23.32 21.27 -19.93
CA PRO B 41 24.67 21.43 -20.48
C PRO B 41 25.59 22.11 -19.48
N GLY B 42 26.69 21.43 -19.16
CA GLY B 42 27.65 21.96 -18.20
C GLY B 42 27.08 22.17 -16.81
N LYS B 43 26.24 21.25 -16.35
CA LYS B 43 25.64 21.35 -15.03
C LYS B 43 25.50 19.95 -14.45
N GLY B 44 25.10 19.88 -13.19
CA GLY B 44 24.87 18.62 -12.52
C GLY B 44 23.55 17.98 -12.92
N LEU B 45 23.34 16.78 -12.41
CA LEU B 45 22.12 16.05 -12.70
C LEU B 45 20.95 16.67 -11.93
N GLU B 46 19.74 16.37 -12.40
CA GLU B 46 18.53 16.94 -11.82
C GLU B 46 17.38 15.97 -11.97
N TRP B 47 16.63 15.79 -10.88
CA TRP B 47 15.46 14.93 -10.90
C TRP B 47 14.34 15.52 -11.73
N VAL B 48 13.63 14.66 -12.45
CA VAL B 48 12.49 15.10 -13.26
C VAL B 48 11.23 14.36 -12.86
N ALA B 49 11.21 13.03 -13.02
CA ALA B 49 9.94 12.34 -12.90
C ALA B 49 10.13 10.91 -12.45
N VAL B 50 9.04 10.31 -11.96
CA VAL B 50 9.03 8.95 -11.47
C VAL B 50 7.71 8.29 -11.85
N ILE B 51 7.77 6.99 -12.15
CA ILE B 51 6.56 6.20 -12.34
C ILE B 51 6.76 4.83 -11.71
N SER B 52 5.72 4.34 -11.05
CA SER B 52 5.79 3.07 -10.34
C SER B 52 5.62 1.92 -11.35
N TYR B 53 5.50 0.70 -10.83
CA TYR B 53 5.47 -0.46 -11.72
C TYR B 53 4.14 -0.58 -12.46
N ASP B 54 3.04 -0.20 -11.82
CA ASP B 54 1.72 -0.37 -12.41
C ASP B 54 1.02 0.93 -12.81
N GLY B 55 1.43 2.06 -12.26
CA GLY B 55 0.76 3.31 -12.54
C GLY B 55 -0.23 3.73 -11.47
N SER B 56 0.20 3.63 -10.21
CA SER B 56 -0.61 4.10 -9.09
C SER B 56 0.12 5.08 -8.20
N TYR B 57 1.33 5.49 -8.56
CA TYR B 57 2.11 6.44 -7.77
C TYR B 57 3.01 7.21 -8.72
N LYS B 58 2.67 8.47 -8.99
CA LYS B 58 3.43 9.31 -9.92
C LYS B 58 3.62 10.67 -9.26
N TYR B 59 4.82 10.91 -8.72
CA TYR B 59 5.17 12.19 -8.15
C TYR B 59 6.00 12.99 -9.15
N TYR B 60 6.38 14.21 -8.76
CA TYR B 60 7.13 15.08 -9.64
C TYR B 60 8.00 16.01 -8.82
N ALA B 61 9.07 16.52 -9.44
CA ALA B 61 9.89 17.52 -8.80
C ALA B 61 9.14 18.84 -8.70
N ASP B 62 9.32 19.54 -7.58
CA ASP B 62 8.59 20.79 -7.36
C ASP B 62 8.95 21.85 -8.41
N SER B 63 10.16 21.79 -8.95
CA SER B 63 10.54 22.73 -9.99
C SER B 63 9.72 22.57 -11.26
N VAL B 64 9.18 21.37 -11.50
CA VAL B 64 8.33 21.12 -12.67
C VAL B 64 7.03 20.50 -12.20
N LYS B 65 6.61 20.83 -10.97
CA LYS B 65 5.42 20.24 -10.39
C LYS B 65 4.19 20.52 -11.25
N GLY B 66 3.46 19.46 -11.59
CA GLY B 66 2.22 19.60 -12.32
C GLY B 66 2.36 19.95 -13.78
N ARG B 67 3.57 19.91 -14.34
CA ARG B 67 3.78 20.27 -15.73
C ARG B 67 3.94 19.03 -16.62
N PHE B 68 4.94 18.21 -16.36
CA PHE B 68 5.18 17.01 -17.13
C PHE B 68 4.19 15.93 -16.74
N THR B 69 3.90 15.01 -17.66
CA THR B 69 3.06 13.86 -17.34
C THR B 69 3.76 12.58 -17.78
N ILE B 70 3.73 11.58 -16.91
CA ILE B 70 4.43 10.32 -17.13
C ILE B 70 3.40 9.24 -17.40
N SER B 71 3.76 8.27 -18.24
CA SER B 71 2.86 7.16 -18.51
C SER B 71 3.67 5.97 -19.02
N ARG B 72 3.05 4.80 -19.01
CA ARG B 72 3.73 3.60 -19.46
C ARG B 72 2.72 2.59 -19.98
N ASP B 73 3.18 1.73 -20.88
CA ASP B 73 2.40 0.60 -21.38
C ASP B 73 3.22 -0.66 -21.12
N ASN B 74 2.71 -1.50 -20.23
CA ASN B 74 3.44 -2.71 -19.83
C ASN B 74 3.43 -3.74 -20.95
N SER B 75 2.34 -3.83 -21.71
CA SER B 75 2.24 -4.85 -22.75
C SER B 75 3.27 -4.63 -23.85
N LYS B 76 3.44 -3.39 -24.29
CA LYS B 76 4.45 -3.07 -25.30
C LYS B 76 5.81 -2.75 -24.71
N ASN B 77 5.94 -2.81 -23.38
CA ASN B 77 7.21 -2.57 -22.69
C ASN B 77 7.75 -1.17 -23.01
N THR B 78 6.86 -0.18 -23.07
CA THR B 78 7.23 1.15 -23.55
C THR B 78 6.87 2.18 -22.51
N LEU B 79 7.65 3.26 -22.45
CA LEU B 79 7.45 4.32 -21.48
C LEU B 79 7.33 5.65 -22.23
N TYR B 80 6.28 6.41 -21.93
CA TYR B 80 6.02 7.68 -22.59
C TYR B 80 6.08 8.83 -21.60
N LEU B 81 6.64 9.95 -22.04
CA LEU B 81 6.66 11.18 -21.26
C LEU B 81 6.11 12.31 -22.12
N GLN B 82 5.03 12.93 -21.65
CA GLN B 82 4.44 14.10 -22.28
C GLN B 82 5.02 15.34 -21.63
N MET B 83 5.54 16.26 -22.46
CA MET B 83 5.96 17.58 -22.00
C MET B 83 4.89 18.59 -22.41
N ASN B 84 4.28 19.24 -21.42
CA ASN B 84 3.34 20.31 -21.65
C ASN B 84 3.83 21.56 -20.93
N SER B 85 3.44 22.72 -21.47
CA SER B 85 3.91 24.01 -20.97
C SER B 85 5.44 24.06 -20.99
N LEU B 86 6.00 23.83 -22.17
CA LEU B 86 7.43 23.73 -22.35
C LEU B 86 8.09 25.11 -22.29
N ARG B 87 9.16 25.21 -21.50
CA ARG B 87 9.90 26.45 -21.32
C ARG B 87 11.28 26.33 -21.99
N ALA B 88 11.96 27.48 -22.08
CA ALA B 88 13.24 27.56 -22.75
C ALA B 88 14.41 27.11 -21.89
N GLU B 89 14.17 26.78 -20.62
CA GLU B 89 15.23 26.33 -19.72
C GLU B 89 15.52 24.84 -19.89
N ASP B 90 14.60 24.09 -20.47
CA ASP B 90 14.66 22.64 -20.47
C ASP B 90 15.59 22.05 -21.53
N THR B 91 16.34 22.87 -22.26
CA THR B 91 17.31 22.36 -23.22
C THR B 91 18.37 21.54 -22.49
N ALA B 92 18.39 20.22 -22.67
CA ALA B 92 19.21 19.38 -21.82
C ALA B 92 19.30 17.98 -22.43
N VAL B 93 19.79 17.03 -21.65
CA VAL B 93 19.81 15.62 -22.02
C VAL B 93 18.95 14.86 -21.02
N TYR B 94 18.19 13.88 -21.50
CA TYR B 94 17.27 13.11 -20.68
C TYR B 94 17.70 11.65 -20.65
N TYR B 95 17.66 11.06 -19.45
CA TYR B 95 17.95 9.65 -19.24
C TYR B 95 16.75 8.98 -18.56
N CYS B 96 16.43 7.78 -19.01
CA CYS B 96 15.44 6.93 -18.36
C CYS B 96 16.15 5.74 -17.74
N THR B 97 15.88 5.50 -16.46
CA THR B 97 16.59 4.47 -15.72
C THR B 97 15.61 3.71 -14.83
N LYS B 98 16.02 2.54 -14.39
CA LYS B 98 15.17 1.70 -13.54
C LYS B 98 15.63 1.74 -12.10
N ALA B 99 14.67 1.68 -11.18
CA ALA B 99 14.95 1.70 -9.76
C ALA B 99 15.19 0.29 -9.25
N ASP B 100 16.09 0.16 -8.27
CA ASP B 100 16.39 -1.15 -7.70
C ASP B 100 16.81 -0.92 -6.26
N TYR B 101 16.75 -1.98 -5.45
CA TYR B 101 17.19 -1.84 -4.07
C TYR B 101 17.71 -3.18 -3.56
N TYR B 102 18.67 -3.09 -2.64
CA TYR B 102 19.18 -4.24 -1.92
C TYR B 102 18.39 -4.41 -0.63
N ASP B 103 17.98 -5.64 -0.34
CA ASP B 103 17.12 -5.94 0.78
C ASP B 103 17.95 -6.37 1.98
N PHE B 104 17.54 -5.95 3.17
CA PHE B 104 18.19 -6.37 4.39
C PHE B 104 17.16 -6.56 5.49
N TRP B 105 17.28 -7.66 6.22
CA TRP B 105 16.40 -7.95 7.35
C TRP B 105 17.03 -7.45 8.63
N SER B 106 16.19 -6.91 9.51
CA SER B 106 16.62 -6.41 10.81
C SER B 106 15.62 -6.89 11.84
N GLY B 107 15.71 -6.36 13.06
CA GLY B 107 14.80 -6.77 14.11
C GLY B 107 13.40 -6.21 13.89
N TYR B 108 12.51 -7.06 13.37
CA TYR B 108 11.14 -6.67 13.04
C TYR B 108 11.12 -5.47 12.09
N GLN B 109 11.98 -5.51 11.07
CA GLN B 109 12.07 -4.41 10.12
C GLN B 109 12.44 -4.94 8.74
N LYS B 110 12.49 -4.02 7.77
CA LYS B 110 12.77 -4.30 6.36
C LYS B 110 13.50 -3.09 5.79
N THR B 111 14.83 -3.15 5.78
CA THR B 111 15.63 -2.03 5.34
C THR B 111 15.97 -2.19 3.87
N TYR B 112 15.79 -1.12 3.11
CA TYR B 112 16.04 -1.10 1.68
C TYR B 112 17.16 -0.11 1.36
N TYR B 113 18.18 -0.58 0.66
CA TYR B 113 19.21 0.30 0.10
C TYR B 113 18.81 0.58 -1.35
N TYR B 114 18.18 1.73 -1.57
CA TYR B 114 17.69 2.07 -2.90
C TYR B 114 18.81 2.67 -3.74
N TYR B 115 18.71 2.49 -5.05
CA TYR B 115 19.61 3.13 -6.01
C TYR B 115 19.08 2.90 -7.42
N MET B 116 19.85 3.37 -8.40
CA MET B 116 19.61 3.14 -9.81
C MET B 116 20.83 2.44 -10.40
N ASP B 117 20.60 1.42 -11.21
CA ASP B 117 21.68 0.54 -11.65
C ASP B 117 22.05 0.67 -13.12
N VAL B 118 21.08 0.77 -14.01
CA VAL B 118 21.35 0.79 -15.45
C VAL B 118 20.80 2.09 -16.04
N TRP B 119 21.58 2.71 -16.92
CA TRP B 119 21.23 3.97 -17.55
C TRP B 119 21.42 3.86 -19.05
N GLY B 120 20.45 4.35 -19.80
CA GLY B 120 20.57 4.36 -21.25
C GLY B 120 21.51 5.46 -21.72
N LYS B 121 21.78 5.43 -23.03
CA LYS B 121 22.63 6.45 -23.63
C LYS B 121 21.99 7.83 -23.54
N GLY B 122 20.66 7.89 -23.49
CA GLY B 122 19.96 9.14 -23.32
C GLY B 122 19.68 9.85 -24.63
N THR B 123 18.79 10.84 -24.55
CA THR B 123 18.41 11.61 -25.72
C THR B 123 18.49 13.10 -25.43
N THR B 124 18.97 13.87 -26.40
CA THR B 124 19.10 15.30 -26.24
C THR B 124 17.82 16.01 -26.67
N VAL B 125 17.52 17.12 -26.01
CA VAL B 125 16.41 17.98 -26.39
C VAL B 125 16.91 19.42 -26.45
N THR B 126 16.62 20.09 -27.57
CA THR B 126 17.06 21.46 -27.83
C THR B 126 15.83 22.34 -27.95
N ILE B 127 15.84 23.48 -27.28
CA ILE B 127 14.69 24.38 -27.20
C ILE B 127 15.19 25.77 -27.60
N SER B 128 14.82 26.21 -28.81
CA SER B 128 15.19 27.54 -29.27
C SER B 128 14.23 27.94 -30.38
N SER B 129 13.90 29.23 -30.42
CA SER B 129 13.02 29.75 -31.46
C SER B 129 13.76 29.98 -32.77
N ALA B 130 15.08 29.89 -32.79
CA ALA B 130 15.84 30.08 -34.01
C ALA B 130 15.56 28.98 -35.02
N SER B 131 15.64 29.34 -36.29
CA SER B 131 15.40 28.39 -37.38
C SER B 131 16.73 27.78 -37.82
N THR B 132 16.64 26.82 -38.74
CA THR B 132 17.84 26.15 -39.24
C THR B 132 18.66 27.10 -40.11
N LYS B 133 19.98 27.03 -39.94
CA LYS B 133 20.90 27.85 -40.72
C LYS B 133 22.09 27.01 -41.15
N GLY B 134 22.63 27.33 -42.33
CA GLY B 134 23.82 26.67 -42.81
C GLY B 134 25.07 27.21 -42.15
N PRO B 135 26.15 26.45 -42.26
CA PRO B 135 27.39 26.82 -41.57
C PRO B 135 28.17 27.86 -42.36
N SER B 136 28.59 28.92 -41.68
CA SER B 136 29.42 29.96 -42.28
C SER B 136 30.86 29.66 -41.88
N VAL B 137 31.64 29.16 -42.84
CA VAL B 137 33.00 28.67 -42.60
C VAL B 137 33.97 29.76 -43.02
N PHE B 138 34.88 30.12 -42.11
CA PHE B 138 35.73 31.26 -42.34
C PHE B 138 37.18 30.87 -42.07
N PRO B 139 38.13 31.33 -42.89
CA PRO B 139 39.54 30.99 -42.63
C PRO B 139 40.14 31.84 -41.53
N LEU B 140 41.21 31.32 -40.93
CA LEU B 140 42.00 32.05 -39.94
C LEU B 140 43.45 32.05 -40.40
N ALA B 141 43.83 33.10 -41.12
CA ALA B 141 45.18 33.19 -41.65
C ALA B 141 46.20 33.35 -40.50
N PRO B 142 47.40 32.78 -40.64
CA PRO B 142 48.43 32.78 -39.61
C PRO B 142 49.47 33.87 -39.78
N GLY B 150 59.27 28.12 -34.61
CA GLY B 150 58.85 26.80 -34.17
C GLY B 150 57.62 26.29 -34.88
N THR B 151 56.46 26.49 -34.26
CA THR B 151 55.19 26.06 -34.81
C THR B 151 54.22 27.23 -34.84
N ALA B 152 53.31 27.19 -35.82
CA ALA B 152 52.26 28.20 -35.95
C ALA B 152 50.93 27.50 -36.13
N ALA B 153 49.86 28.17 -35.72
CA ALA B 153 48.52 27.61 -35.70
C ALA B 153 47.64 28.28 -36.75
N LEU B 154 46.78 27.49 -37.38
CA LEU B 154 45.80 28.00 -38.33
C LEU B 154 44.51 27.22 -38.15
N GLY B 155 43.38 27.88 -38.41
CA GLY B 155 42.11 27.24 -38.13
C GLY B 155 40.99 27.74 -39.02
N CYS B 156 39.81 27.20 -38.75
CA CYS B 156 38.58 27.59 -39.43
C CYS B 156 37.49 27.83 -38.41
N LEU B 157 36.76 28.93 -38.60
CA LEU B 157 35.71 29.38 -37.70
C LEU B 157 34.35 29.08 -38.32
N VAL B 158 33.52 28.32 -37.61
CA VAL B 158 32.18 27.97 -38.07
C VAL B 158 31.18 28.80 -37.27
N LYS B 159 30.37 29.56 -37.99
CA LYS B 159 29.50 30.57 -37.41
C LYS B 159 28.07 30.38 -37.91
N ASP B 160 27.11 30.70 -37.04
CA ASP B 160 25.69 30.77 -37.38
C ASP B 160 25.16 29.43 -37.92
N TYR B 161 25.20 28.42 -37.06
CA TYR B 161 24.66 27.11 -37.40
C TYR B 161 23.80 26.60 -36.25
N PHE B 162 22.99 25.59 -36.54
CA PHE B 162 22.02 25.02 -35.63
C PHE B 162 21.53 23.73 -36.25
N PRO B 163 21.37 22.63 -35.49
CA PRO B 163 21.58 22.44 -34.04
C PRO B 163 23.03 22.39 -33.57
N GLU B 164 23.21 21.88 -32.34
CA GLU B 164 24.52 21.83 -31.71
C GLU B 164 25.54 20.98 -32.45
N PRO B 165 25.25 19.73 -32.84
CA PRO B 165 26.33 18.86 -33.34
C PRO B 165 26.79 19.23 -34.74
N VAL B 166 28.10 19.39 -34.90
CA VAL B 166 28.72 19.66 -36.19
C VAL B 166 30.06 18.94 -36.22
N THR B 167 30.49 18.56 -37.42
CA THR B 167 31.72 17.78 -37.59
C THR B 167 32.75 18.64 -38.30
N VAL B 168 33.97 18.68 -37.75
CA VAL B 168 35.08 19.39 -38.37
C VAL B 168 36.28 18.46 -38.42
N SER B 169 36.91 18.38 -39.59
CA SER B 169 38.11 17.57 -39.79
C SER B 169 39.10 18.37 -40.62
N TRP B 170 40.33 17.86 -40.69
CA TRP B 170 41.39 18.52 -41.45
C TRP B 170 42.12 17.50 -42.30
N ASN B 171 42.53 17.93 -43.50
CA ASN B 171 43.27 17.09 -44.45
C ASN B 171 42.49 15.82 -44.76
N SER B 172 41.16 15.94 -44.86
CA SER B 172 40.28 14.83 -45.18
C SER B 172 40.51 13.65 -44.24
N GLY B 173 40.73 13.94 -42.97
CA GLY B 173 41.00 12.93 -41.97
C GLY B 173 42.42 12.43 -41.89
N ALA B 174 43.32 12.93 -42.74
CA ALA B 174 44.72 12.55 -42.72
C ALA B 174 45.56 13.42 -41.80
N LEU B 175 44.93 14.10 -40.85
CA LEU B 175 45.64 14.97 -39.92
C LEU B 175 44.95 14.88 -38.57
N THR B 176 45.62 14.30 -37.58
CA THR B 176 45.01 14.09 -36.28
C THR B 176 45.93 14.45 -35.11
N SER B 177 47.07 15.10 -35.36
CA SER B 177 48.00 15.50 -34.32
C SER B 177 47.97 17.02 -34.18
N GLY B 178 47.73 17.49 -32.96
CA GLY B 178 47.62 18.91 -32.69
C GLY B 178 46.26 19.50 -32.99
N VAL B 179 45.29 18.70 -33.46
CA VAL B 179 43.98 19.23 -33.77
C VAL B 179 43.22 19.54 -32.48
N HIS B 180 42.64 20.74 -32.41
CA HIS B 180 41.86 21.17 -31.27
C HIS B 180 40.51 21.65 -31.78
N THR B 181 39.45 20.94 -31.42
CA THR B 181 38.08 21.31 -31.75
C THR B 181 37.38 21.68 -30.44
N PHE B 182 37.03 22.96 -30.31
CA PHE B 182 36.44 23.49 -29.08
C PHE B 182 34.93 23.27 -29.07
N PRO B 183 34.35 22.96 -27.91
CA PRO B 183 32.90 22.80 -27.83
C PRO B 183 32.17 24.08 -28.18
N ALA B 184 31.02 23.92 -28.83
CA ALA B 184 30.23 25.07 -29.25
C ALA B 184 29.63 25.80 -28.05
N VAL B 185 29.48 27.11 -28.19
CA VAL B 185 28.86 27.95 -27.17
C VAL B 185 27.86 28.87 -27.87
N LEU B 186 26.65 28.95 -27.32
CA LEU B 186 25.62 29.80 -27.90
C LEU B 186 25.93 31.27 -27.65
N GLN B 187 25.62 32.11 -28.65
CA GLN B 187 25.87 33.54 -28.59
C GLN B 187 24.57 34.28 -28.29
N SER B 188 24.62 35.61 -28.36
CA SER B 188 23.44 36.42 -28.05
C SER B 188 22.31 36.16 -29.02
N SER B 189 22.63 36.05 -30.31
CA SER B 189 21.60 35.80 -31.32
C SER B 189 20.94 34.44 -31.15
N GLY B 190 21.58 33.52 -30.44
CA GLY B 190 21.05 32.18 -30.28
C GLY B 190 21.60 31.15 -31.25
N LEU B 191 22.67 31.46 -31.95
CA LEU B 191 23.26 30.56 -32.94
C LEU B 191 24.57 30.01 -32.39
N TYR B 192 24.73 28.68 -32.46
CA TYR B 192 25.96 28.06 -31.99
C TYR B 192 27.09 28.31 -32.98
N SER B 193 28.29 28.52 -32.44
CA SER B 193 29.47 28.74 -33.27
C SER B 193 30.70 28.28 -32.51
N LEU B 194 31.76 27.98 -33.25
CA LEU B 194 33.01 27.53 -32.65
C LEU B 194 34.13 27.74 -33.66
N SER B 195 35.34 27.36 -33.27
CA SER B 195 36.50 27.40 -34.14
C SER B 195 37.34 26.15 -33.90
N SER B 196 37.93 25.63 -34.98
CA SER B 196 38.81 24.47 -34.90
C SER B 196 40.19 24.86 -35.41
N VAL B 197 41.23 24.47 -34.68
CA VAL B 197 42.59 24.93 -34.96
C VAL B 197 43.52 23.73 -35.06
N VAL B 198 44.57 23.89 -35.86
CA VAL B 198 45.64 22.90 -35.98
C VAL B 198 46.97 23.65 -35.98
N THR B 199 47.94 23.13 -35.23
CA THR B 199 49.27 23.71 -35.16
C THR B 199 50.25 22.84 -35.95
N VAL B 200 51.03 23.48 -36.81
CA VAL B 200 52.00 22.79 -37.67
C VAL B 200 53.27 23.64 -37.74
N PRO B 201 54.40 23.02 -38.07
CA PRO B 201 55.63 23.80 -38.25
C PRO B 201 55.49 24.82 -39.38
N SER B 202 56.13 25.97 -39.19
CA SER B 202 55.97 27.08 -40.13
C SER B 202 56.51 26.72 -41.52
N SER B 203 57.62 25.99 -41.58
CA SER B 203 58.20 25.63 -42.86
C SER B 203 57.25 24.76 -43.68
N SER B 204 56.54 23.84 -43.01
CA SER B 204 55.60 22.97 -43.70
C SER B 204 54.41 23.73 -44.27
N LEU B 205 54.08 24.89 -43.71
CA LEU B 205 52.94 25.66 -44.20
C LEU B 205 53.15 26.10 -45.65
N GLY B 206 54.37 26.53 -45.97
CA GLY B 206 54.68 26.94 -47.33
C GLY B 206 54.98 25.81 -48.29
N THR B 207 54.99 24.57 -47.81
CA THR B 207 55.25 23.40 -48.64
C THR B 207 54.13 22.38 -48.64
N GLN B 208 53.23 22.41 -47.67
CA GLN B 208 52.14 21.44 -47.57
C GLN B 208 50.81 22.16 -47.51
N THR B 209 49.85 21.70 -48.30
CA THR B 209 48.51 22.28 -48.31
C THR B 209 47.70 21.76 -47.13
N TYR B 210 46.71 22.56 -46.72
CA TYR B 210 45.83 22.20 -45.63
C TYR B 210 44.41 22.65 -45.94
N ILE B 211 43.45 21.76 -45.67
CA ILE B 211 42.04 21.99 -45.95
C ILE B 211 41.28 21.75 -44.66
N CYS B 212 40.16 22.46 -44.47
CA CYS B 212 39.26 22.17 -43.37
C CYS B 212 37.92 21.74 -43.92
N ASN B 213 37.44 20.58 -43.47
CA ASN B 213 36.20 19.99 -43.94
C ASN B 213 35.15 20.10 -42.84
N VAL B 214 33.99 20.63 -43.19
CA VAL B 214 32.89 20.84 -42.26
C VAL B 214 31.69 20.04 -42.76
N ASN B 215 31.17 19.17 -41.89
CA ASN B 215 30.00 18.36 -42.17
C ASN B 215 28.89 18.78 -41.21
N HIS B 216 27.74 19.16 -41.79
CA HIS B 216 26.56 19.55 -41.02
C HIS B 216 25.41 18.69 -41.54
N LYS B 217 25.17 17.57 -40.85
CA LYS B 217 24.15 16.62 -41.30
C LYS B 217 22.74 17.18 -41.32
N PRO B 218 22.25 17.90 -40.29
CA PRO B 218 20.85 18.37 -40.34
C PRO B 218 20.54 19.22 -41.55
N SER B 219 21.46 20.08 -41.98
CA SER B 219 21.30 20.80 -43.23
C SER B 219 21.93 20.08 -44.41
N ASN B 220 22.61 18.95 -44.17
CA ASN B 220 23.21 18.13 -45.21
C ASN B 220 24.19 18.95 -46.06
N THR B 221 25.11 19.64 -45.38
CA THR B 221 26.08 20.51 -46.04
C THR B 221 27.49 20.02 -45.77
N LYS B 222 28.26 19.85 -46.85
CA LYS B 222 29.68 19.53 -46.77
C LYS B 222 30.46 20.69 -47.39
N VAL B 223 31.37 21.28 -46.61
CA VAL B 223 32.10 22.46 -47.03
C VAL B 223 33.60 22.20 -46.88
N ASP B 224 34.34 22.42 -47.96
CA ASP B 224 35.80 22.30 -47.95
C ASP B 224 36.39 23.69 -48.11
N LYS B 225 37.02 24.19 -47.05
CA LYS B 225 37.53 25.56 -47.03
C LYS B 225 39.05 25.56 -46.94
N LYS B 226 39.67 26.34 -47.83
CA LYS B 226 41.12 26.55 -47.85
C LYS B 226 41.47 27.80 -47.06
N VAL B 227 42.55 27.72 -46.29
CA VAL B 227 43.06 28.83 -45.52
C VAL B 227 44.29 29.39 -46.23
N GLY B 228 44.23 30.66 -46.63
CA GLY B 228 45.37 31.31 -47.22
C GLY B 228 46.24 32.00 -46.19
N ARG B 229 47.40 32.47 -46.64
CA ARG B 229 48.35 33.17 -45.79
C ARG B 229 48.42 34.63 -46.22
N THR B 230 48.27 35.53 -45.26
CA THR B 230 48.33 36.96 -45.53
C THR B 230 49.75 37.49 -45.42
N ILE C 2 15.17 18.93 0.29
CA ILE C 2 16.49 18.53 0.72
C ILE C 2 17.52 18.80 -0.37
N GLN C 3 18.70 19.25 0.04
CA GLN C 3 19.79 19.50 -0.89
C GLN C 3 21.10 19.14 -0.20
N LEU C 4 22.12 18.87 -1.02
CA LEU C 4 23.44 18.50 -0.52
C LEU C 4 24.49 19.41 -1.13
N THR C 5 25.67 19.39 -0.51
CA THR C 5 26.81 20.20 -0.94
C THR C 5 28.04 19.33 -0.99
N GLN C 6 28.97 19.67 -1.88
CA GLN C 6 30.14 18.84 -2.13
C GLN C 6 31.41 19.58 -1.73
N SER C 7 32.46 18.81 -1.45
CA SER C 7 33.76 19.39 -1.14
C SER C 7 34.88 18.47 -1.62
N PRO C 8 35.95 19.01 -2.21
CA PRO C 8 36.15 20.42 -2.58
C PRO C 8 35.41 20.78 -3.86
N GLY C 9 35.35 22.07 -4.21
CA GLY C 9 34.70 22.45 -5.45
C GLY C 9 35.40 21.90 -6.68
N THR C 10 36.73 21.79 -6.64
CA THR C 10 37.50 21.22 -7.72
C THR C 10 38.67 20.45 -7.12
N LEU C 11 39.10 19.40 -7.80
CA LEU C 11 40.14 18.51 -7.30
C LEU C 11 41.08 18.13 -8.43
N SER C 12 42.38 18.23 -8.16
CA SER C 12 43.41 17.89 -9.15
C SER C 12 44.53 17.14 -8.46
N LEU C 13 44.61 15.83 -8.69
CA LEU C 13 45.68 15.01 -8.14
C LEU C 13 46.24 14.10 -9.21
N SER C 14 47.49 13.65 -9.00
CA SER C 14 48.20 12.75 -9.88
C SER C 14 47.81 11.31 -9.62
N PRO C 15 48.06 10.41 -10.57
CA PRO C 15 47.73 9.00 -10.36
C PRO C 15 48.53 8.38 -9.22
N GLY C 16 47.92 7.39 -8.58
CA GLY C 16 48.58 6.63 -7.53
C GLY C 16 48.66 7.28 -6.16
N GLU C 17 47.61 8.01 -5.76
CA GLU C 17 47.51 8.53 -4.41
C GLU C 17 46.05 8.53 -3.97
N ARG C 18 45.85 8.64 -2.66
CA ARG C 18 44.50 8.59 -2.10
C ARG C 18 43.70 9.82 -2.51
N ALA C 19 42.40 9.60 -2.75
CA ALA C 19 41.47 10.67 -3.08
C ALA C 19 40.30 10.65 -2.11
N THR C 20 39.87 11.84 -1.69
CA THR C 20 38.81 11.98 -0.70
C THR C 20 37.80 13.03 -1.16
N LEU C 21 36.52 12.68 -1.14
CA LEU C 21 35.44 13.59 -1.50
C LEU C 21 34.43 13.64 -0.35
N SER C 22 33.88 14.81 -0.09
CA SER C 22 32.96 15.00 1.02
C SER C 22 31.59 15.46 0.51
N CYS C 23 30.54 14.89 1.09
CA CYS C 23 29.16 15.26 0.79
C CYS C 23 28.48 15.61 2.10
N ARG C 24 27.93 16.83 2.18
CA ARG C 24 27.34 17.37 3.40
C ARG C 24 25.88 17.68 3.16
N ALA C 25 25.06 17.49 4.18
CA ALA C 25 23.62 17.61 4.08
C ALA C 25 23.11 18.80 4.87
N SER C 26 22.01 19.38 4.40
CA SER C 26 21.32 20.45 5.09
C SER C 26 20.22 19.95 6.02
N GLN C 27 20.02 18.63 6.08
CA GLN C 27 19.01 18.03 6.95
C GLN C 27 19.43 16.60 7.24
N SER C 28 19.16 16.16 8.47
CA SER C 28 19.59 14.84 8.90
C SER C 28 18.96 13.74 8.04
N VAL C 29 19.79 12.80 7.59
CA VAL C 29 19.34 11.65 6.82
C VAL C 29 20.00 10.41 7.39
N SER C 30 19.44 9.25 7.05
CA SER C 30 19.99 7.98 7.51
C SER C 30 21.15 7.57 6.63
N SER C 31 22.23 7.08 7.27
CA SER C 31 23.47 6.75 6.58
C SER C 31 23.36 5.54 5.68
N SER C 32 22.22 4.85 5.66
CA SER C 32 22.00 3.72 4.77
C SER C 32 21.15 4.10 3.56
N TYR C 33 20.98 5.39 3.31
CA TYR C 33 20.05 5.89 2.31
C TYR C 33 20.78 6.72 1.25
N LEU C 34 22.07 6.44 1.02
CA LEU C 34 22.93 7.28 0.21
C LEU C 34 23.59 6.46 -0.90
N ALA C 35 24.11 7.16 -1.91
CA ALA C 35 24.80 6.53 -3.02
C ALA C 35 25.76 7.52 -3.66
N TRP C 36 26.72 6.97 -4.41
CA TRP C 36 27.72 7.72 -5.16
C TRP C 36 27.80 7.19 -6.58
N TYR C 37 27.71 8.09 -7.55
CA TYR C 37 27.80 7.77 -8.98
C TYR C 37 28.99 8.50 -9.62
N GLN C 38 29.41 8.00 -10.77
CA GLN C 38 30.44 8.63 -11.58
C GLN C 38 29.90 8.91 -12.98
N GLN C 39 30.57 9.84 -13.66
CA GLN C 39 30.18 10.23 -15.03
C GLN C 39 31.41 10.76 -15.74
N LYS C 40 31.83 10.06 -16.79
CA LYS C 40 32.83 10.60 -17.70
C LYS C 40 32.15 11.33 -18.85
N PRO C 41 32.82 12.30 -19.47
CA PRO C 41 32.14 13.12 -20.49
C PRO C 41 31.60 12.29 -21.64
N GLY C 42 30.40 12.64 -22.08
CA GLY C 42 29.78 11.98 -23.22
C GLY C 42 29.47 10.51 -23.00
N GLN C 43 29.19 10.12 -21.76
CA GLN C 43 28.90 8.73 -21.45
C GLN C 43 27.84 8.66 -20.36
N ALA C 44 27.06 7.58 -20.37
CA ALA C 44 26.02 7.42 -19.38
C ALA C 44 26.62 7.22 -17.99
N PRO C 45 26.07 7.87 -16.97
CA PRO C 45 26.59 7.67 -15.60
C PRO C 45 26.38 6.23 -15.14
N ARG C 46 27.28 5.79 -14.27
CA ARG C 46 27.29 4.40 -13.81
C ARG C 46 27.34 4.37 -12.28
N LEU C 47 26.67 3.36 -11.72
CA LEU C 47 26.67 3.16 -10.29
C LEU C 47 28.06 2.84 -9.77
N LEU C 48 28.43 3.47 -8.65
CA LEU C 48 29.64 3.11 -7.94
C LEU C 48 29.34 2.53 -6.56
N ILE C 49 28.66 3.28 -5.69
CA ILE C 49 28.47 2.86 -4.30
C ILE C 49 27.04 3.14 -3.89
N TYR C 50 26.45 2.24 -3.10
CA TYR C 50 25.18 2.48 -2.46
C TYR C 50 25.25 2.04 -1.00
N GLY C 51 24.60 2.80 -0.13
CA GLY C 51 24.56 2.48 1.28
C GLY C 51 25.76 2.90 2.09
N THR C 52 26.75 3.57 1.47
CA THR C 52 27.93 4.10 2.13
C THR C 52 28.81 3.01 2.74
N SER C 53 28.40 1.74 2.59
CA SER C 53 29.15 0.65 3.18
C SER C 53 29.29 -0.56 2.26
N SER C 54 28.58 -0.62 1.15
CA SER C 54 28.59 -1.79 0.27
C SER C 54 29.14 -1.39 -1.09
N ARG C 55 29.22 -2.38 -1.98
CA ARG C 55 29.77 -2.21 -3.31
C ARG C 55 28.78 -2.70 -4.35
N ALA C 56 28.89 -2.15 -5.56
CA ALA C 56 28.06 -2.59 -6.66
C ALA C 56 28.77 -3.67 -7.47
N THR C 57 27.98 -4.42 -8.23
CA THR C 57 28.50 -5.59 -8.93
C THR C 57 29.42 -5.18 -10.07
N GLY C 58 30.64 -5.70 -10.07
CA GLY C 58 31.58 -5.49 -11.15
C GLY C 58 32.50 -4.30 -11.02
N ILE C 59 32.63 -3.73 -9.82
CA ILE C 59 33.47 -2.56 -9.61
C ILE C 59 34.61 -2.93 -8.67
N PRO C 60 35.84 -2.46 -8.93
CA PRO C 60 36.97 -2.82 -8.07
C PRO C 60 36.80 -2.32 -6.64
N ASP C 61 37.73 -2.78 -5.79
CA ASP C 61 37.67 -2.53 -4.35
C ASP C 61 38.07 -1.10 -3.99
N ARG C 62 38.79 -0.41 -4.87
CA ARG C 62 39.36 0.89 -4.53
C ARG C 62 38.31 1.89 -4.06
N PHE C 63 37.08 1.76 -4.55
CA PHE C 63 35.99 2.63 -4.12
C PHE C 63 35.54 2.24 -2.72
N SER C 64 35.38 3.22 -1.84
CA SER C 64 34.86 2.95 -0.50
C SER C 64 34.13 4.18 0.02
N GLY C 65 33.31 3.98 1.05
CA GLY C 65 32.53 5.06 1.61
C GLY C 65 32.46 4.95 3.12
N SER C 66 32.16 6.09 3.74
CA SER C 66 32.01 6.18 5.19
C SER C 66 31.22 7.44 5.52
N GLY C 67 30.95 7.63 6.80
CA GLY C 67 30.25 8.81 7.27
C GLY C 67 28.86 8.48 7.79
N SER C 68 28.26 9.50 8.41
CA SER C 68 26.95 9.37 9.03
C SER C 68 26.43 10.76 9.33
N GLY C 69 25.29 10.84 10.02
CA GLY C 69 24.69 12.11 10.36
C GLY C 69 24.39 12.94 9.13
N THR C 70 25.16 14.01 8.94
CA THR C 70 25.07 14.83 7.74
C THR C 70 26.39 14.95 7.01
N ASP C 71 27.44 14.24 7.45
CA ASP C 71 28.76 14.30 6.84
C ASP C 71 29.10 12.92 6.28
N PHE C 72 29.41 12.87 4.99
CA PHE C 72 29.63 11.62 4.26
C PHE C 72 30.91 11.76 3.46
N THR C 73 31.61 10.64 3.26
CA THR C 73 32.93 10.67 2.64
C THR C 73 33.10 9.50 1.69
N LEU C 74 33.56 9.80 0.47
CA LEU C 74 33.96 8.79 -0.50
C LEU C 74 35.48 8.77 -0.61
N THR C 75 36.04 7.56 -0.61
CA THR C 75 37.48 7.37 -0.54
C THR C 75 37.96 6.45 -1.66
N ILE C 76 39.09 6.82 -2.26
CA ILE C 76 39.75 6.03 -3.29
C ILE C 76 41.19 5.81 -2.84
N SER C 77 41.64 4.55 -2.89
CA SER C 77 43.00 4.26 -2.44
C SER C 77 44.02 4.64 -3.50
N ARG C 78 43.99 3.99 -4.65
CA ARG C 78 44.89 4.27 -5.76
C ARG C 78 44.08 4.78 -6.95
N LEU C 79 44.70 5.67 -7.73
CA LEU C 79 44.05 6.29 -8.87
C LEU C 79 44.67 5.79 -10.17
N GLU C 80 43.83 5.29 -11.06
CA GLU C 80 44.23 4.85 -12.39
C GLU C 80 43.54 5.75 -13.42
N PRO C 81 43.92 5.69 -14.70
CA PRO C 81 43.32 6.60 -15.69
C PRO C 81 41.81 6.49 -15.82
N GLU C 82 41.20 5.37 -15.42
CA GLU C 82 39.76 5.21 -15.58
C GLU C 82 38.96 5.82 -14.43
N ASP C 83 39.62 6.37 -13.42
CA ASP C 83 38.93 7.05 -12.32
C ASP C 83 38.79 8.56 -12.56
N PHE C 84 39.18 9.04 -13.72
CA PHE C 84 39.30 10.49 -13.96
C PHE C 84 38.02 10.97 -14.61
N ALA C 85 37.07 11.41 -13.78
CA ALA C 85 35.75 11.84 -14.27
C ALA C 85 35.07 12.65 -13.17
N VAL C 86 33.78 12.93 -13.36
CA VAL C 86 33.00 13.72 -12.42
C VAL C 86 32.26 12.78 -11.49
N TYR C 87 32.08 13.20 -10.22
CA TYR C 87 31.48 12.36 -9.20
C TYR C 87 30.27 13.06 -8.59
N TYR C 88 29.24 12.28 -8.25
CA TYR C 88 28.01 12.80 -7.68
C TYR C 88 27.62 11.99 -6.45
N CYS C 89 27.11 12.69 -5.43
CA CYS C 89 26.52 12.06 -4.25
C CYS C 89 25.01 12.29 -4.26
N GLN C 90 24.25 11.24 -3.93
CA GLN C 90 22.80 11.24 -4.07
C GLN C 90 22.14 10.57 -2.88
N GLN C 91 21.10 11.21 -2.34
CA GLN C 91 20.23 10.56 -1.37
C GLN C 91 18.93 10.17 -2.07
N TYR C 92 18.47 8.95 -1.81
CA TYR C 92 17.32 8.40 -2.53
C TYR C 92 16.37 7.66 -1.59
N GLY C 93 16.41 7.95 -0.30
CA GLY C 93 15.47 7.31 0.61
C GLY C 93 14.61 8.27 1.40
N SER C 94 15.08 9.51 1.56
CA SER C 94 14.31 10.56 2.22
C SER C 94 13.55 11.27 1.11
N SER C 95 12.39 10.73 0.78
CA SER C 95 11.63 11.07 -0.41
C SER C 95 10.35 11.81 -0.04
N PRO C 96 9.68 12.44 -1.02
CA PRO C 96 9.99 12.56 -2.45
C PRO C 96 11.04 13.61 -2.77
N GLN C 97 11.06 14.06 -4.03
CA GLN C 97 11.95 15.09 -4.56
C GLN C 97 13.40 14.88 -4.11
N ILE C 98 13.98 13.77 -4.57
CA ILE C 98 15.40 13.55 -4.30
C ILE C 98 16.22 14.53 -5.10
N THR C 99 17.39 14.88 -4.58
CA THR C 99 18.29 15.82 -5.24
C THR C 99 19.67 15.21 -5.34
N PHE C 100 20.45 15.73 -6.28
CA PHE C 100 21.80 15.25 -6.54
C PHE C 100 22.83 16.24 -6.00
N GLY C 101 24.09 15.90 -6.19
CA GLY C 101 25.18 16.76 -5.79
C GLY C 101 25.41 17.89 -6.78
N GLN C 102 26.46 18.67 -6.51
CA GLN C 102 26.80 19.78 -7.37
C GLN C 102 27.66 19.33 -8.55
N GLY C 103 28.78 18.68 -8.27
CA GLY C 103 29.65 18.13 -9.30
C GLY C 103 31.12 18.46 -9.09
N THR C 104 31.96 17.43 -8.96
CA THR C 104 33.39 17.60 -8.74
C THR C 104 34.15 17.09 -9.95
N ARG C 105 35.05 17.91 -10.48
CA ARG C 105 35.98 17.47 -11.50
C ARG C 105 37.24 16.94 -10.84
N LEU C 106 37.59 15.69 -11.13
CA LEU C 106 38.75 15.02 -10.54
C LEU C 106 39.73 14.81 -11.69
N GLU C 107 40.64 15.76 -11.86
CA GLU C 107 41.53 15.82 -13.02
C GLU C 107 42.97 15.57 -12.60
N ILE C 108 43.88 15.75 -13.56
CA ILE C 108 45.30 15.50 -13.39
C ILE C 108 46.01 16.81 -13.12
N LYS C 109 46.95 16.80 -12.18
CA LYS C 109 47.86 17.92 -11.98
C LYS C 109 49.28 17.49 -12.32
N ARG C 110 50.03 18.39 -12.95
CA ARG C 110 51.39 18.09 -13.39
C ARG C 110 52.23 19.36 -13.20
N THR C 111 53.44 19.33 -13.76
CA THR C 111 54.33 20.48 -13.68
C THR C 111 53.74 21.66 -14.46
N VAL C 112 54.02 22.86 -13.96
CA VAL C 112 53.51 24.07 -14.59
C VAL C 112 54.09 24.21 -15.99
N ALA C 113 53.25 24.64 -16.93
CA ALA C 113 53.66 24.80 -18.32
C ALA C 113 53.32 26.21 -18.79
N ALA C 114 54.05 26.66 -19.81
CA ALA C 114 53.91 28.00 -20.37
C ALA C 114 52.97 27.98 -21.57
N PRO C 115 51.92 28.79 -21.57
CA PRO C 115 50.99 28.77 -22.71
C PRO C 115 51.64 29.30 -23.98
N SER C 116 51.20 28.74 -25.11
CA SER C 116 51.51 29.28 -26.42
C SER C 116 50.38 30.23 -26.81
N VAL C 117 50.73 31.49 -27.10
CA VAL C 117 49.75 32.55 -27.30
C VAL C 117 49.79 32.98 -28.75
N PHE C 118 48.62 32.97 -29.41
CA PHE C 118 48.48 33.39 -30.79
C PHE C 118 47.32 34.37 -30.91
N ILE C 119 47.44 35.28 -31.87
CA ILE C 119 46.45 36.32 -32.12
C ILE C 119 45.98 36.20 -33.56
N PHE C 120 44.68 36.40 -33.77
CA PHE C 120 44.10 36.30 -35.10
C PHE C 120 43.10 37.42 -35.35
N PRO C 121 43.46 38.37 -36.21
CA PRO C 121 42.51 39.41 -36.61
C PRO C 121 41.48 38.85 -37.58
N PRO C 122 40.36 39.54 -37.79
CA PRO C 122 39.34 39.01 -38.70
C PRO C 122 39.81 39.06 -40.15
N SER C 123 39.32 38.11 -40.93
CA SER C 123 39.70 38.02 -42.33
C SER C 123 39.04 39.13 -43.14
N ASP C 124 39.67 39.46 -44.27
CA ASP C 124 39.11 40.50 -45.14
C ASP C 124 37.75 40.10 -45.67
N GLU C 125 37.60 38.86 -46.10
CA GLU C 125 36.32 38.41 -46.65
C GLU C 125 35.28 38.30 -45.54
N GLN C 126 35.70 38.13 -44.29
CA GLN C 126 34.77 38.22 -43.16
C GLN C 126 34.17 39.62 -43.05
N LEU C 127 35.01 40.65 -43.17
CA LEU C 127 34.49 42.02 -43.20
C LEU C 127 33.63 42.26 -44.42
N LYS C 128 33.97 41.61 -45.54
CA LYS C 128 33.13 41.68 -46.72
C LYS C 128 31.74 41.10 -46.43
N SER C 129 31.70 40.00 -45.68
CA SER C 129 30.41 39.40 -45.31
C SER C 129 29.61 40.35 -44.43
N GLY C 130 30.27 41.01 -43.48
CA GLY C 130 29.60 41.95 -42.61
C GLY C 130 29.75 41.68 -41.13
N THR C 131 30.62 40.72 -40.79
CA THR C 131 30.87 40.35 -39.40
C THR C 131 32.34 40.56 -39.07
N ALA C 132 32.64 40.54 -37.76
CA ALA C 132 34.02 40.71 -37.32
C ALA C 132 34.24 39.89 -36.06
N SER C 133 35.45 39.35 -35.92
CA SER C 133 35.79 38.60 -34.73
C SER C 133 37.29 38.62 -34.53
N VAL C 134 37.69 38.56 -33.26
CA VAL C 134 39.09 38.51 -32.86
C VAL C 134 39.32 37.21 -32.11
N VAL C 135 40.34 36.45 -32.51
CA VAL C 135 40.61 35.14 -31.94
C VAL C 135 41.89 35.22 -31.12
N CYS C 136 41.77 35.13 -29.80
CA CYS C 136 42.93 35.07 -28.92
C CYS C 136 43.06 33.63 -28.44
N LEU C 137 44.06 32.92 -28.96
CA LEU C 137 44.21 31.49 -28.70
C LEU C 137 45.36 31.26 -27.74
N LEU C 138 45.12 30.40 -26.74
CA LEU C 138 46.16 29.98 -25.80
C LEU C 138 46.13 28.47 -25.75
N ASN C 139 47.30 27.85 -25.90
CA ASN C 139 47.36 26.39 -26.05
C ASN C 139 48.42 25.81 -25.11
N ASN C 140 48.13 24.61 -24.59
CA ASN C 140 49.09 23.83 -23.80
C ASN C 140 49.58 24.59 -22.58
N PHE C 141 48.69 24.74 -21.60
CA PHE C 141 49.05 25.38 -20.34
C PHE C 141 48.28 24.74 -19.19
N TYR C 142 48.99 24.40 -18.12
CA TYR C 142 48.39 24.02 -16.86
C TYR C 142 49.04 24.85 -15.75
N PRO C 143 48.25 25.38 -14.80
CA PRO C 143 46.82 25.22 -14.59
C PRO C 143 45.88 26.07 -15.47
N ARG C 144 44.61 25.66 -15.51
CA ARG C 144 43.68 26.17 -16.52
C ARG C 144 43.16 27.57 -16.22
N GLU C 145 43.29 28.05 -14.99
CA GLU C 145 42.75 29.37 -14.67
C GLU C 145 43.58 30.47 -15.35
N ALA C 146 42.89 31.39 -16.02
CA ALA C 146 43.55 32.49 -16.70
C ALA C 146 42.51 33.58 -16.96
N LYS C 147 43.01 34.81 -17.09
CA LYS C 147 42.18 35.96 -17.42
C LYS C 147 42.64 36.50 -18.77
N VAL C 148 41.73 36.54 -19.73
CA VAL C 148 42.04 36.94 -21.10
C VAL C 148 41.20 38.16 -21.45
N GLN C 149 41.84 39.20 -21.96
CA GLN C 149 41.14 40.42 -22.34
C GLN C 149 41.37 40.71 -23.82
N GLY C 159 33.27 44.90 -27.31
CA GLY C 159 33.44 45.01 -25.87
C GLY C 159 32.86 43.83 -25.11
N ASN C 160 32.86 42.67 -25.76
CA ASN C 160 32.33 41.44 -25.16
C ASN C 160 33.30 40.30 -25.41
N SER C 161 33.26 39.31 -24.53
CA SER C 161 34.13 38.15 -24.59
C SER C 161 33.31 36.88 -24.67
N GLN C 162 33.85 35.87 -25.35
CA GLN C 162 33.20 34.57 -25.44
C GLN C 162 34.29 33.51 -25.46
N GLU C 163 34.50 32.84 -24.32
CA GLU C 163 35.60 31.92 -24.18
C GLU C 163 35.13 30.48 -24.38
N SER C 164 36.10 29.57 -24.46
CA SER C 164 35.80 28.15 -24.61
C SER C 164 36.97 27.33 -24.09
N VAL C 165 36.72 26.50 -23.08
CA VAL C 165 37.74 25.65 -22.48
C VAL C 165 37.45 24.22 -22.90
N THR C 166 38.37 23.63 -23.66
CA THR C 166 38.19 22.25 -24.11
C THR C 166 38.48 21.27 -22.97
N GLU C 167 37.99 20.05 -23.13
CA GLU C 167 38.32 18.99 -22.20
C GLU C 167 39.78 18.56 -22.39
N GLN C 168 40.43 18.20 -21.30
CA GLN C 168 41.85 17.91 -21.33
C GLN C 168 42.15 16.67 -22.16
N ASP C 169 43.31 16.69 -22.82
CA ASP C 169 43.81 15.52 -23.52
C ASP C 169 44.50 14.60 -22.51
N SER C 170 44.18 13.31 -22.57
CA SER C 170 44.68 12.34 -21.60
C SER C 170 46.06 11.80 -21.92
N LYS C 171 46.82 12.50 -22.77
CA LYS C 171 48.19 12.11 -23.09
C LYS C 171 49.23 13.13 -22.63
N ASP C 172 48.84 14.38 -22.39
CA ASP C 172 49.75 15.37 -21.84
C ASP C 172 49.15 16.17 -20.69
N SER C 173 47.85 16.00 -20.39
CA SER C 173 47.17 16.68 -19.29
C SER C 173 47.37 18.20 -19.36
N THR C 174 46.88 18.78 -20.45
CA THR C 174 46.90 20.22 -20.66
C THR C 174 45.51 20.68 -21.07
N TYR C 175 45.35 22.00 -21.17
CA TYR C 175 44.07 22.60 -21.54
C TYR C 175 44.29 23.63 -22.64
N SER C 176 43.39 23.62 -23.62
CA SER C 176 43.42 24.56 -24.72
C SER C 176 42.25 25.53 -24.57
N LEU C 177 42.52 26.82 -24.71
CA LEU C 177 41.54 27.87 -24.48
C LEU C 177 41.52 28.81 -25.67
N SER C 178 40.32 29.26 -26.04
CA SER C 178 40.15 30.24 -27.10
C SER C 178 39.17 31.30 -26.63
N SER C 179 39.51 32.56 -26.93
CA SER C 179 38.65 33.71 -26.64
C SER C 179 38.23 34.34 -27.96
N THR C 180 36.93 34.49 -28.15
CA THR C 180 36.35 35.09 -29.34
C THR C 180 35.74 36.43 -28.93
N LEU C 181 36.25 37.50 -29.53
CA LEU C 181 35.71 38.85 -29.35
C LEU C 181 34.86 39.16 -30.57
N THR C 182 33.54 39.22 -30.38
CA THR C 182 32.61 39.49 -31.47
C THR C 182 32.48 40.98 -31.71
N LEU C 183 32.50 41.38 -32.98
CA LEU C 183 32.36 42.77 -33.36
C LEU C 183 31.55 42.85 -34.64
N SER C 184 30.92 44.01 -34.85
CA SER C 184 30.04 44.21 -35.99
C SER C 184 30.86 44.66 -37.19
N LYS C 185 30.16 45.10 -38.25
CA LYS C 185 30.85 45.52 -39.47
C LYS C 185 31.70 46.76 -39.24
N ALA C 186 31.29 47.63 -38.31
CA ALA C 186 32.01 48.88 -38.03
C ALA C 186 31.95 49.13 -36.53
N ASP C 187 33.03 48.78 -35.83
CA ASP C 187 33.14 49.01 -34.40
C ASP C 187 34.47 49.63 -34.00
N TYR C 188 35.15 50.27 -34.95
CA TYR C 188 36.45 50.89 -34.69
C TYR C 188 36.28 52.14 -33.83
N CYS C 196 46.04 41.60 -27.13
CA CYS C 196 45.36 40.71 -26.21
C CYS C 196 46.10 40.64 -24.87
N GLU C 197 45.35 40.71 -23.79
CA GLU C 197 45.91 40.68 -22.44
C GLU C 197 45.82 39.26 -21.88
N VAL C 198 46.97 38.72 -21.48
CA VAL C 198 47.08 37.37 -20.96
C VAL C 198 47.79 37.42 -19.61
N THR C 199 47.18 36.82 -18.60
CA THR C 199 47.80 36.64 -17.30
C THR C 199 47.65 35.19 -16.88
N HIS C 200 48.66 34.66 -16.20
CA HIS C 200 48.70 33.24 -15.88
C HIS C 200 49.53 33.02 -14.63
N GLN C 201 49.21 31.97 -13.88
CA GLN C 201 49.90 31.70 -12.63
C GLN C 201 51.38 31.37 -12.89
N GLY C 202 51.65 30.54 -13.89
CA GLY C 202 53.02 30.21 -14.22
C GLY C 202 53.81 31.40 -14.74
N LEU C 203 53.15 32.27 -15.51
CA LEU C 203 53.82 33.45 -16.03
C LEU C 203 54.15 34.42 -14.90
N SER C 204 55.39 34.94 -14.93
CA SER C 204 55.82 35.97 -13.99
C SER C 204 55.94 37.33 -14.66
N SER C 205 55.47 37.46 -15.91
CA SER C 205 55.54 38.70 -16.65
C SER C 205 54.40 38.69 -17.66
N PRO C 206 53.57 39.73 -17.68
CA PRO C 206 52.45 39.77 -18.63
C PRO C 206 52.95 39.72 -20.07
N VAL C 207 52.19 39.02 -20.92
CA VAL C 207 52.49 38.88 -22.33
C VAL C 207 51.33 39.47 -23.13
N THR C 208 51.63 40.38 -24.04
CA THR C 208 50.62 41.15 -24.75
C THR C 208 50.79 41.00 -26.26
N LYS C 209 49.67 40.84 -26.96
CA LYS C 209 49.66 40.81 -28.42
C LYS C 209 48.96 42.04 -28.98
#